data_2A67
#
_entry.id   2A67
#
_cell.length_a   114.972
_cell.length_b   102.601
_cell.length_c   91.088
_cell.angle_alpha   90.00
_cell.angle_beta   116.93
_cell.angle_gamma   90.00
#
_symmetry.space_group_name_H-M   'C 1 2 1'
#
loop_
_entity.id
_entity.type
_entity.pdbx_description
1 polymer 'isochorismatase family protein'
2 water water
#
_entity_poly.entity_id   1
_entity_poly.type   'polypeptide(L)'
_entity_poly.pdbx_seq_one_letter_code
;A(MSE)KNRALLLIDFQKGIESPTQQLYRLPAVLDKVNQRIAVYRQHHAPIIFVQHEETELPFGSDSWQLFEKLDTQPTD
FFIRKTHANAFYQTNLNDLLTEQAVQTLEIAGVQTEFCVDTTIR(MSE)AHGLGYTCL(MSE)TPKTTSTLDNGHLTAAQ
IIQHHEAIWAGRFLTFLSL
;
_entity_poly.pdbx_strand_id   A,B,C,D
#
# COMPACT_ATOMS: atom_id res chain seq x y z
N ALA A 1 -12.96 -5.11 -7.78
CA ALA A 1 -11.61 -4.55 -8.11
C ALA A 1 -11.37 -4.50 -9.60
N MSE A 2 -12.13 -5.31 -10.35
CA MSE A 2 -12.01 -5.32 -11.83
C MSE A 2 -13.15 -4.69 -12.59
O MSE A 2 -13.20 -4.76 -13.82
CB MSE A 2 -11.70 -6.74 -12.34
CG MSE A 2 -10.26 -7.23 -12.00
SE MSE A 2 -8.85 -6.32 -13.11
CE MSE A 2 -9.47 -6.65 -14.75
N LYS A 3 -14.07 -4.04 -11.86
CA LYS A 3 -15.18 -3.30 -12.46
C LYS A 3 -14.77 -1.86 -12.72
N ASN A 4 -15.41 -1.22 -13.69
CA ASN A 4 -15.18 0.20 -14.01
C ASN A 4 -13.69 0.49 -14.13
N ARG A 5 -12.97 -0.40 -14.82
CA ARG A 5 -11.51 -0.38 -14.86
C ARG A 5 -11.05 -0.79 -16.25
N ALA A 6 -10.04 -0.09 -16.80
CA ALA A 6 -9.51 -0.40 -18.13
C ALA A 6 -8.01 -0.52 -18.07
N LEU A 7 -7.48 -1.36 -18.95
CA LEU A 7 -6.05 -1.42 -19.22
C LEU A 7 -5.69 -0.43 -20.38
N LEU A 8 -4.81 0.51 -20.08
CA LEU A 8 -4.51 1.62 -21.06
C LEU A 8 -3.04 1.44 -21.53
N LEU A 9 -2.86 0.97 -22.76
CA LEU A 9 -1.53 0.53 -23.26
C LEU A 9 -1.00 1.58 -24.29
N ILE A 10 0.06 2.29 -23.91
CA ILE A 10 0.46 3.51 -24.63
C ILE A 10 1.64 3.26 -25.56
N ASP A 11 1.34 3.46 -26.83
CA ASP A 11 2.35 3.60 -27.89
C ASP A 11 3.24 2.43 -28.16
N PHE A 12 2.66 1.23 -28.10
CA PHE A 12 3.40 0.02 -28.36
C PHE A 12 3.42 -0.25 -29.87
N GLN A 13 4.17 0.58 -30.59
CA GLN A 13 4.16 0.59 -32.06
C GLN A 13 5.54 0.28 -32.59
N LYS A 14 5.61 -0.44 -33.70
CA LYS A 14 6.87 -0.89 -34.29
C LYS A 14 7.93 0.21 -34.45
N GLY A 15 7.54 1.39 -34.93
CA GLY A 15 8.49 2.46 -35.19
C GLY A 15 9.02 3.27 -34.03
N ILE A 16 8.84 2.80 -32.79
CA ILE A 16 9.23 3.66 -31.62
C ILE A 16 10.72 4.04 -31.26
N GLU A 17 11.77 3.20 -31.17
CA GLU A 17 12.13 1.89 -31.80
C GLU A 17 12.86 2.02 -33.17
N SER A 18 14.00 1.33 -33.26
CA SER A 18 14.82 1.22 -34.48
C SER A 18 16.17 0.59 -34.13
N PRO A 19 16.96 0.20 -35.16
CA PRO A 19 18.38 -0.02 -34.88
C PRO A 19 18.96 1.28 -34.33
N THR A 20 19.84 1.17 -33.33
CA THR A 20 20.45 2.32 -32.59
C THR A 20 19.53 2.95 -31.53
N GLN A 21 18.21 2.92 -31.78
CA GLN A 21 17.23 3.47 -30.85
CA GLN A 21 17.20 3.48 -30.88
C GLN A 21 16.34 2.35 -30.26
N GLN A 22 16.91 1.66 -29.27
CA GLN A 22 16.30 0.48 -28.70
C GLN A 22 15.70 0.67 -27.30
N LEU A 23 14.43 0.28 -27.16
CA LEU A 23 13.74 0.44 -25.90
C LEU A 23 14.32 -0.53 -24.87
N TYR A 24 14.62 -0.02 -23.69
CA TYR A 24 15.15 -0.80 -22.58
C TYR A 24 14.24 -1.97 -22.15
N ARG A 25 14.77 -3.19 -22.25
CA ARG A 25 14.06 -4.37 -21.76
C ARG A 25 12.66 -4.53 -22.32
N LEU A 26 12.49 -4.17 -23.60
CA LEU A 26 11.18 -4.23 -24.27
C LEU A 26 10.53 -5.62 -24.27
N PRO A 27 11.29 -6.70 -24.60
CA PRO A 27 10.60 -8.01 -24.61
C PRO A 27 9.93 -8.37 -23.29
N ALA A 28 10.63 -8.17 -22.17
CA ALA A 28 10.06 -8.39 -20.86
C ALA A 28 8.87 -7.49 -20.58
N VAL A 29 8.87 -6.26 -21.07
CA VAL A 29 7.68 -5.42 -20.91
C VAL A 29 6.48 -5.98 -21.67
N LEU A 30 6.71 -6.40 -22.91
CA LEU A 30 5.61 -6.85 -23.74
C LEU A 30 5.08 -8.16 -23.22
N ASP A 31 5.97 -9.00 -22.66
CA ASP A 31 5.49 -10.23 -22.00
C ASP A 31 4.60 -9.92 -20.82
N LYS A 32 5.00 -9.01 -19.93
CA LYS A 32 4.12 -8.68 -18.77
C LYS A 32 2.81 -8.03 -19.18
N VAL A 33 2.83 -7.16 -20.21
CA VAL A 33 1.58 -6.58 -20.74
C VAL A 33 0.60 -7.65 -21.27
N ASN A 34 1.12 -8.61 -22.03
CA ASN A 34 0.27 -9.74 -22.51
C ASN A 34 -0.40 -10.56 -21.42
N GLN A 35 0.27 -10.66 -20.25
CA GLN A 35 -0.26 -11.30 -19.03
C GLN A 35 -1.42 -10.49 -18.52
N ARG A 36 -1.25 -9.17 -18.50
CA ARG A 36 -2.32 -8.29 -17.99
C ARG A 36 -3.47 -8.31 -18.96
N ILE A 37 -3.18 -8.21 -20.28
CA ILE A 37 -4.22 -8.36 -21.33
C ILE A 37 -5.07 -9.64 -21.02
N ALA A 38 -4.38 -10.75 -20.78
CA ALA A 38 -5.11 -12.02 -20.44
C ALA A 38 -6.04 -11.84 -19.23
N VAL A 39 -5.55 -11.22 -18.15
CA VAL A 39 -6.39 -10.94 -16.97
C VAL A 39 -7.63 -10.14 -17.34
N TYR A 40 -7.45 -9.07 -18.12
CA TYR A 40 -8.58 -8.21 -18.56
C TYR A 40 -9.61 -8.96 -19.38
N ARG A 41 -9.18 -9.82 -20.30
CA ARG A 41 -10.16 -10.57 -21.13
C ARG A 41 -10.95 -11.51 -20.22
N GLN A 42 -10.26 -12.16 -19.29
CA GLN A 42 -10.95 -13.01 -18.34
C GLN A 42 -12.06 -12.32 -17.59
N HIS A 43 -11.82 -11.09 -17.16
CA HIS A 43 -12.85 -10.34 -16.49
C HIS A 43 -13.73 -9.52 -17.47
N HIS A 44 -13.62 -9.73 -18.79
CA HIS A 44 -14.43 -8.93 -19.72
C HIS A 44 -14.29 -7.42 -19.39
N ALA A 45 -13.04 -7.00 -19.13
CA ALA A 45 -12.72 -5.59 -18.81
C ALA A 45 -12.01 -4.87 -20.02
N PRO A 46 -12.39 -3.61 -20.29
CA PRO A 46 -11.86 -2.91 -21.49
C PRO A 46 -10.33 -2.82 -21.56
N ILE A 47 -9.80 -3.05 -22.77
CA ILE A 47 -8.38 -2.92 -23.03
C ILE A 47 -8.31 -1.85 -24.14
N ILE A 48 -7.47 -0.83 -23.94
CA ILE A 48 -7.40 0.33 -24.87
C ILE A 48 -5.99 0.58 -25.29
N PHE A 49 -5.76 0.51 -26.59
CA PHE A 49 -4.43 0.70 -27.11
C PHE A 49 -4.40 2.15 -27.61
N VAL A 50 -3.42 2.91 -27.16
CA VAL A 50 -3.17 4.24 -27.73
C VAL A 50 -2.08 4.15 -28.81
N GLN A 51 -2.32 4.82 -29.96
CA GLN A 51 -1.31 4.85 -31.04
C GLN A 51 -1.06 6.30 -31.41
N HIS A 52 0.21 6.68 -31.36
CA HIS A 52 0.66 8.03 -31.74
C HIS A 52 0.84 8.09 -33.25
N GLU A 53 0.64 9.28 -33.80
CA GLU A 53 0.91 9.49 -35.24
C GLU A 53 1.60 10.83 -35.37
N GLU A 54 2.51 10.92 -36.35
CA GLU A 54 3.26 12.12 -36.65
C GLU A 54 3.88 11.89 -38.01
N THR A 55 4.51 12.90 -38.58
CA THR A 55 5.05 12.73 -39.92
C THR A 55 6.07 11.59 -39.97
N GLU A 56 6.79 11.38 -38.87
CA GLU A 56 7.79 10.29 -38.84
CA GLU A 56 7.81 10.32 -38.71
C GLU A 56 7.21 8.95 -38.32
N LEU A 57 5.91 8.92 -38.08
CA LEU A 57 5.22 7.68 -37.70
C LEU A 57 3.84 7.80 -38.36
N PRO A 58 3.79 7.70 -39.70
CA PRO A 58 2.54 8.08 -40.32
C PRO A 58 1.32 7.21 -40.00
N PHE A 59 0.15 7.85 -39.89
CA PHE A 59 -1.04 7.18 -39.48
C PHE A 59 -1.32 6.01 -40.45
N GLY A 60 -1.57 4.83 -39.88
CA GLY A 60 -1.90 3.66 -40.68
C GLY A 60 -0.74 2.96 -41.37
N SER A 61 0.48 3.49 -41.22
CA SER A 61 1.69 2.94 -41.85
C SER A 61 2.17 1.68 -41.11
N ASP A 62 3.01 0.88 -41.75
CA ASP A 62 3.55 -0.32 -41.07
C ASP A 62 4.28 0.09 -39.79
N SER A 63 4.99 1.21 -39.79
CA SER A 63 5.73 1.60 -38.58
C SER A 63 4.77 2.02 -37.43
N TRP A 64 3.56 2.48 -37.77
CA TRP A 64 2.61 2.98 -36.80
C TRP A 64 1.83 1.82 -36.17
N GLN A 65 1.81 0.68 -36.84
CA GLN A 65 1.13 -0.51 -36.38
C GLN A 65 1.71 -1.05 -35.06
N LEU A 66 0.84 -1.57 -34.20
CA LEU A 66 1.24 -2.20 -32.93
C LEU A 66 2.20 -3.36 -33.11
N PHE A 67 3.13 -3.51 -32.17
CA PHE A 67 4.06 -4.65 -32.19
C PHE A 67 3.26 -5.95 -32.36
N GLU A 68 3.69 -6.84 -33.25
CA GLU A 68 2.94 -8.08 -33.55
C GLU A 68 2.73 -8.98 -32.32
N LYS A 69 3.70 -8.94 -31.40
CA LYS A 69 3.75 -9.77 -30.19
C LYS A 69 2.56 -9.51 -29.27
N LEU A 70 1.97 -8.32 -29.34
CA LEU A 70 0.84 -7.99 -28.47
C LEU A 70 -0.40 -8.76 -28.87
N ASP A 71 -1.14 -9.19 -27.86
CA ASP A 71 -2.34 -9.97 -28.07
C ASP A 71 -3.52 -9.02 -28.13
N THR A 72 -3.80 -8.55 -29.34
CA THR A 72 -4.93 -7.64 -29.57
C THR A 72 -6.09 -8.41 -30.16
N GLN A 73 -7.27 -7.85 -30.03
CA GLN A 73 -8.45 -8.42 -30.63
C GLN A 73 -9.23 -7.30 -31.24
N PRO A 74 -10.09 -7.60 -32.23
CA PRO A 74 -10.85 -6.61 -33.01
C PRO A 74 -11.79 -5.78 -32.12
N THR A 75 -12.17 -6.42 -31.02
CA THR A 75 -13.02 -6.00 -29.93
C THR A 75 -12.41 -5.01 -28.91
N ASP A 76 -11.10 -4.95 -28.84
CA ASP A 76 -10.40 -3.93 -28.04
C ASP A 76 -10.69 -2.54 -28.55
N PHE A 77 -10.35 -1.51 -27.76
CA PHE A 77 -10.53 -0.11 -28.19
C PHE A 77 -9.21 0.49 -28.61
N PHE A 78 -9.27 1.47 -29.52
CA PHE A 78 -8.08 2.09 -30.08
C PHE A 78 -8.27 3.56 -30.11
N ILE A 79 -7.27 4.27 -29.62
CA ILE A 79 -7.26 5.73 -29.53
C ILE A 79 -6.08 6.27 -30.36
N ARG A 80 -6.38 7.23 -31.25
CA ARG A 80 -5.33 7.98 -31.97
C ARG A 80 -4.94 9.20 -31.17
N LYS A 81 -3.64 9.46 -31.10
CA LYS A 81 -3.13 10.66 -30.50
C LYS A 81 -2.03 11.37 -31.33
N THR A 82 -1.81 12.63 -31.06
CA THR A 82 -0.85 13.41 -31.82
C THR A 82 0.16 14.09 -30.89
N HIS A 83 -0.12 14.08 -29.57
CA HIS A 83 0.73 14.77 -28.57
C HIS A 83 1.11 13.75 -27.48
N ALA A 84 2.14 14.05 -26.67
CA ALA A 84 2.49 13.12 -25.51
C ALA A 84 1.26 12.81 -24.64
N ASN A 85 0.42 13.82 -24.43
CA ASN A 85 -0.79 13.61 -23.60
C ASN A 85 -1.88 12.79 -24.34
N ALA A 86 -2.21 11.57 -23.87
CA ALA A 86 -3.20 10.72 -24.59
C ALA A 86 -4.62 11.24 -24.52
N PHE A 87 -4.85 12.27 -23.69
CA PHE A 87 -6.16 12.92 -23.65
C PHE A 87 -6.23 14.17 -24.57
N TYR A 88 -5.09 14.71 -25.00
CA TYR A 88 -5.10 16.08 -25.62
C TYR A 88 -5.60 15.95 -27.06
N GLN A 89 -6.80 16.49 -27.32
CA GLN A 89 -7.47 16.48 -28.63
C GLN A 89 -7.78 15.08 -29.07
N THR A 90 -8.05 14.17 -28.11
CA THR A 90 -8.42 12.82 -28.47
C THR A 90 -9.79 12.49 -27.90
N ASN A 91 -10.26 11.32 -28.24
CA ASN A 91 -11.55 10.92 -27.66
CA ASN A 91 -11.53 10.76 -27.79
C ASN A 91 -11.38 9.93 -26.49
N LEU A 92 -10.17 9.91 -25.93
CA LEU A 92 -9.96 9.08 -24.70
C LEU A 92 -10.99 9.38 -23.59
N ASN A 93 -11.06 10.62 -23.14
CA ASN A 93 -11.98 10.94 -22.09
C ASN A 93 -13.45 10.51 -22.39
N ASP A 94 -13.96 10.81 -23.60
CA ASP A 94 -15.30 10.36 -24.06
C ASP A 94 -15.48 8.84 -24.04
N LEU A 95 -14.45 8.10 -24.45
CA LEU A 95 -14.55 6.64 -24.46
C LEU A 95 -14.65 6.12 -23.01
N LEU A 96 -13.78 6.67 -22.16
CA LEU A 96 -13.79 6.28 -20.72
C LEU A 96 -15.15 6.57 -20.09
N THR A 97 -15.69 7.75 -20.37
CA THR A 97 -17.01 8.13 -19.90
C THR A 97 -18.08 7.14 -20.41
N GLU A 98 -18.05 6.88 -21.72
CA GLU A 98 -18.98 5.92 -22.32
C GLU A 98 -18.86 4.48 -21.74
N GLN A 99 -17.63 4.04 -21.44
CA GLN A 99 -17.44 2.71 -20.90
C GLN A 99 -17.56 2.62 -19.38
N ALA A 100 -17.93 3.73 -18.73
CA ALA A 100 -18.05 3.84 -17.27
C ALA A 100 -16.77 3.44 -16.51
N VAL A 101 -15.64 3.91 -17.03
CA VAL A 101 -14.34 3.66 -16.44
C VAL A 101 -13.88 4.75 -15.48
N GLN A 102 -13.52 4.33 -14.26
CA GLN A 102 -12.99 5.22 -13.23
C GLN A 102 -11.53 4.90 -12.94
N THR A 103 -11.13 3.64 -13.13
CA THR A 103 -9.77 3.14 -12.81
C THR A 103 -9.02 2.71 -14.05
N LEU A 104 -7.78 3.22 -14.17
CA LEU A 104 -6.94 2.98 -15.27
C LEU A 104 -5.66 2.31 -14.81
N GLU A 105 -5.35 1.18 -15.41
CA GLU A 105 -4.02 0.59 -15.25
C GLU A 105 -3.20 0.86 -16.48
N ILE A 106 -2.05 1.52 -16.30
CA ILE A 106 -1.42 2.24 -17.45
C ILE A 106 -0.07 1.59 -17.66
N ALA A 107 0.27 1.35 -18.93
CA ALA A 107 1.58 0.82 -19.33
C ALA A 107 1.91 1.49 -20.66
N GLY A 108 3.19 1.49 -21.04
CA GLY A 108 3.61 1.93 -22.35
C GLY A 108 4.99 2.55 -22.47
N VAL A 109 5.17 3.30 -23.57
CA VAL A 109 6.39 3.96 -23.87
C VAL A 109 6.03 5.35 -24.45
N GLN A 110 6.89 6.36 -24.34
CA GLN A 110 8.11 6.31 -23.55
C GLN A 110 7.82 6.85 -22.13
N THR A 111 8.46 6.26 -21.14
CA THR A 111 8.30 6.64 -19.73
C THR A 111 8.12 8.13 -19.45
N GLU A 112 9.08 8.94 -19.89
CA GLU A 112 9.13 10.33 -19.45
C GLU A 112 8.26 11.27 -20.32
N PHE A 113 7.81 10.75 -21.47
CA PHE A 113 7.01 11.57 -22.41
C PHE A 113 5.55 11.16 -22.28
N CYS A 114 5.07 10.26 -23.13
CA CYS A 114 3.64 10.00 -23.27
C CYS A 114 3.10 9.36 -21.99
N VAL A 115 3.89 8.48 -21.38
CA VAL A 115 3.38 7.74 -20.20
C VAL A 115 3.28 8.70 -19.00
N ASP A 116 4.38 9.39 -18.66
CA ASP A 116 4.33 10.39 -17.59
C ASP A 116 3.16 11.39 -17.81
N THR A 117 3.07 11.94 -19.02
CA THR A 117 2.04 12.96 -19.26
C THR A 117 0.63 12.41 -19.04
N THR A 118 0.37 11.23 -19.58
CA THR A 118 -0.97 10.66 -19.56
C THR A 118 -1.36 10.27 -18.10
N ILE A 119 -0.39 9.83 -17.35
CA ILE A 119 -0.57 9.58 -15.90
C ILE A 119 -0.94 10.84 -15.17
N ARG A 120 -0.17 11.93 -15.37
CA ARG A 120 -0.44 13.16 -14.59
C ARG A 120 -1.76 13.76 -15.00
N MSE A 121 -2.06 13.68 -16.32
CA MSE A 121 -3.36 14.09 -16.80
C MSE A 121 -4.53 13.25 -16.21
O MSE A 121 -5.54 13.81 -15.80
CB MSE A 121 -3.41 14.11 -18.36
CG MSE A 121 -4.64 14.79 -18.95
SE MSE A 121 -4.58 16.74 -18.71
CE MSE A 121 -2.79 16.93 -18.68
N ALA A 122 -4.40 11.95 -16.31
CA ALA A 122 -5.48 11.04 -15.85
C ALA A 122 -5.70 11.28 -14.37
N HIS A 123 -4.64 11.39 -13.60
CA HIS A 123 -4.83 11.67 -12.16
C HIS A 123 -5.56 13.02 -12.00
N GLY A 124 -5.11 14.03 -12.73
CA GLY A 124 -5.64 15.38 -12.50
C GLY A 124 -7.07 15.53 -12.99
N LEU A 125 -7.52 14.64 -13.89
CA LEU A 125 -8.93 14.60 -14.32
C LEU A 125 -9.86 13.76 -13.38
N GLY A 126 -9.23 13.06 -12.43
CA GLY A 126 -9.98 12.38 -11.37
C GLY A 126 -10.06 10.88 -11.54
N TYR A 127 -9.31 10.32 -12.48
CA TYR A 127 -9.24 8.88 -12.65
C TYR A 127 -8.35 8.30 -11.57
N THR A 128 -8.71 7.09 -11.09
CA THR A 128 -7.83 6.35 -10.14
C THR A 128 -6.86 5.56 -10.96
N CYS A 129 -5.56 5.73 -10.72
CA CYS A 129 -4.56 5.15 -11.60
C CYS A 129 -3.77 4.05 -10.93
N LEU A 130 -3.43 3.04 -11.74
CA LEU A 130 -2.68 1.87 -11.28
C LEU A 130 -1.62 1.52 -12.28
N MSE A 131 -0.62 0.78 -11.82
CA MSE A 131 0.42 0.35 -12.70
C MSE A 131 1.03 -0.98 -12.23
O MSE A 131 1.36 -1.10 -11.07
CB MSE A 131 1.53 1.41 -12.75
CG MSE A 131 2.62 1.07 -13.74
SE MSE A 131 3.85 2.58 -14.08
CE MSE A 131 2.82 3.21 -15.71
N THR A 132 1.23 -1.92 -13.15
CA THR A 132 2.03 -3.11 -12.97
C THR A 132 3.52 -2.75 -13.03
N PRO A 133 4.31 -3.19 -12.01
CA PRO A 133 5.73 -2.87 -12.04
C PRO A 133 6.37 -3.40 -13.36
N LYS A 134 7.34 -2.64 -13.87
CA LYS A 134 8.14 -2.99 -15.10
C LYS A 134 7.30 -3.06 -16.37
N THR A 135 6.38 -2.10 -16.54
CA THR A 135 5.55 -2.10 -17.76
C THR A 135 5.71 -0.74 -18.50
N THR A 136 6.74 0.04 -18.15
CA THR A 136 7.17 1.18 -19.03
C THR A 136 8.60 0.98 -19.57
N SER A 137 8.95 1.68 -20.65
CA SER A 137 10.31 1.61 -21.17
C SER A 137 10.58 2.92 -21.87
N THR A 138 11.86 3.17 -22.13
CA THR A 138 12.29 4.41 -22.78
C THR A 138 13.72 4.19 -23.33
N LEU A 139 14.34 5.24 -23.89
CA LEU A 139 15.68 5.17 -24.55
C LEU A 139 16.73 5.85 -23.65
N ASP A 140 18.01 5.47 -23.76
CA ASP A 140 19.10 6.31 -23.22
C ASP A 140 18.95 7.67 -23.97
N ASN A 141 19.18 8.80 -23.29
CA ASN A 141 18.89 10.10 -23.90
C ASN A 141 20.11 11.01 -24.08
N GLY A 142 21.30 10.45 -23.92
CA GLY A 142 22.51 11.27 -24.01
C GLY A 142 22.92 11.91 -22.70
N HIS A 143 22.03 11.99 -21.74
CA HIS A 143 22.39 12.49 -20.40
C HIS A 143 22.14 11.46 -19.35
N LEU A 144 21.05 10.74 -19.55
CA LEU A 144 20.56 9.78 -18.61
C LEU A 144 20.27 8.47 -19.34
N THR A 145 20.55 7.34 -18.66
CA THR A 145 20.29 6.03 -19.25
C THR A 145 18.79 5.74 -19.13
N ALA A 146 18.28 4.76 -19.89
CA ALA A 146 16.88 4.39 -19.76
C ALA A 146 16.56 4.00 -18.33
N ALA A 147 17.41 3.20 -17.68
CA ALA A 147 17.15 2.73 -16.30
C ALA A 147 17.02 3.91 -15.30
N GLN A 148 17.91 4.89 -15.41
CA GLN A 148 17.83 6.08 -14.54
C GLN A 148 16.52 6.85 -14.73
N ILE A 149 16.14 7.03 -15.98
CA ILE A 149 14.86 7.72 -16.33
C ILE A 149 13.67 6.95 -15.75
N ILE A 150 13.65 5.63 -15.90
CA ILE A 150 12.56 4.79 -15.37
C ILE A 150 12.51 4.91 -13.87
N GLN A 151 13.67 4.80 -13.22
CA GLN A 151 13.69 4.89 -11.76
C GLN A 151 13.16 6.26 -11.34
N HIS A 152 13.59 7.32 -12.05
CA HIS A 152 13.21 8.68 -11.68
C HIS A 152 11.69 8.87 -11.78
N HIS A 153 11.10 8.50 -12.91
CA HIS A 153 9.71 8.80 -13.09
C HIS A 153 8.80 7.91 -12.25
N GLU A 154 9.11 6.63 -12.20
CA GLU A 154 8.30 5.69 -11.42
C GLU A 154 8.24 6.08 -9.94
N ALA A 155 9.35 6.59 -9.40
CA ALA A 155 9.40 7.11 -8.03
C ALA A 155 8.54 8.34 -7.83
N ILE A 156 8.49 9.24 -8.82
CA ILE A 156 7.54 10.33 -8.72
C ILE A 156 6.09 9.82 -8.68
N TRP A 157 5.76 8.90 -9.60
CA TRP A 157 4.38 8.46 -9.76
C TRP A 157 3.85 7.73 -8.55
N ALA A 158 4.71 6.94 -7.92
CA ALA A 158 4.27 6.04 -6.78
C ALA A 158 3.68 6.88 -5.66
N GLY A 159 2.42 6.61 -5.27
CA GLY A 159 1.74 7.31 -4.15
C GLY A 159 1.11 8.61 -4.61
N ARG A 160 1.82 9.36 -5.44
CA ARG A 160 1.38 10.69 -5.83
C ARG A 160 0.33 10.68 -6.98
N PHE A 161 0.56 9.89 -8.03
CA PHE A 161 -0.39 9.86 -9.12
C PHE A 161 -1.08 8.51 -9.27
N LEU A 162 -0.40 7.45 -8.83
CA LEU A 162 -0.92 6.11 -9.03
C LEU A 162 -0.44 5.15 -7.95
N THR A 163 -0.98 3.94 -7.96
CA THR A 163 -0.48 2.91 -7.01
C THR A 163 0.12 1.81 -7.83
N PHE A 164 1.34 1.42 -7.51
CA PHE A 164 1.85 0.22 -8.09
C PHE A 164 1.13 -0.98 -7.56
N LEU A 165 0.77 -1.88 -8.44
CA LEU A 165 0.19 -3.16 -8.02
C LEU A 165 1.23 -3.95 -7.16
N SER A 166 0.71 -4.59 -6.08
CA SER A 166 1.44 -5.56 -5.11
C SER A 166 1.66 -6.91 -5.65
N ALA B 1 1.87 -25.45 41.44
CA ALA B 1 0.64 -24.86 40.81
C ALA B 1 0.75 -23.35 40.59
N MSE B 2 1.08 -22.61 41.67
CA MSE B 2 1.30 -21.15 41.63
C MSE B 2 2.77 -20.71 41.54
O MSE B 2 3.08 -19.53 41.66
CB MSE B 2 0.62 -20.45 42.81
CG MSE B 2 -0.90 -20.29 42.65
SE MSE B 2 -1.51 -19.11 41.07
CE MSE B 2 -0.88 -17.67 41.43
N LYS B 3 3.67 -21.66 41.28
CA LYS B 3 5.09 -21.38 41.05
C LYS B 3 5.40 -21.16 39.56
N ASN B 4 6.35 -20.26 39.28
CA ASN B 4 6.83 -20.00 37.92
C ASN B 4 5.68 -19.59 37.00
N ARG B 5 4.83 -18.70 37.48
CA ARG B 5 3.56 -18.44 36.83
C ARG B 5 3.24 -16.96 36.98
N ALA B 6 2.64 -16.38 35.95
CA ALA B 6 2.28 -15.00 36.05
C ALA B 6 0.89 -14.74 35.54
N LEU B 7 0.25 -13.74 36.11
CA LEU B 7 -0.99 -13.25 35.50
C LEU B 7 -0.67 -12.13 34.48
N LEU B 8 -1.04 -12.35 33.20
CA LEU B 8 -0.72 -11.43 32.09
C LEU B 8 -1.98 -10.72 31.63
N LEU B 9 -2.08 -9.42 31.87
CA LEU B 9 -3.31 -8.69 31.67
C LEU B 9 -3.16 -7.65 30.52
N ILE B 10 -3.86 -7.92 29.43
CA ILE B 10 -3.64 -7.24 28.15
C ILE B 10 -4.56 -6.05 27.87
N ASP B 11 -3.93 -4.87 27.71
CA ASP B 11 -4.60 -3.70 27.18
C ASP B 11 -5.87 -3.26 27.91
N PHE B 12 -5.92 -3.44 29.23
CA PHE B 12 -7.07 -2.95 29.96
C PHE B 12 -7.05 -1.42 30.15
N GLN B 13 -7.23 -0.66 29.05
CA GLN B 13 -7.00 0.82 29.04
C GLN B 13 -8.20 1.60 28.57
N LYS B 14 -8.38 2.79 29.12
CA LYS B 14 -9.54 3.60 28.84
C LYS B 14 -9.79 3.90 27.36
N GLY B 15 -8.72 4.12 26.60
CA GLY B 15 -8.85 4.51 25.20
C GLY B 15 -9.34 3.42 24.25
N ILE B 16 -9.70 2.25 24.82
CA ILE B 16 -10.22 1.15 23.97
C ILE B 16 -11.65 1.15 23.30
N GLU B 17 -12.84 1.40 23.83
CA GLU B 17 -13.52 2.49 24.56
C GLU B 17 -13.61 3.90 23.94
N SER B 18 -14.80 4.16 23.38
CA SER B 18 -15.14 5.41 22.69
C SER B 18 -16.65 5.66 22.84
N PRO B 19 -17.12 6.88 22.49
CA PRO B 19 -18.53 7.28 22.54
C PRO B 19 -19.70 6.25 22.69
N THR B 20 -20.45 5.80 21.66
CA THR B 20 -20.14 5.04 20.40
C THR B 20 -19.89 3.53 20.66
N GLN B 21 -18.66 3.16 21.02
CA GLN B 21 -18.24 1.76 21.16
C GLN B 21 -17.80 1.42 22.59
N GLN B 22 -18.64 0.68 23.30
CA GLN B 22 -18.36 0.26 24.66
C GLN B 22 -17.99 -1.24 24.73
N LEU B 23 -17.12 -1.62 25.67
CA LEU B 23 -16.62 -3.00 25.78
C LEU B 23 -17.67 -3.91 26.41
N TYR B 24 -17.96 -5.03 25.75
CA TYR B 24 -18.93 -6.01 26.26
C TYR B 24 -18.68 -6.52 27.69
N ARG B 25 -19.64 -6.20 28.55
CA ARG B 25 -19.68 -6.74 29.92
C ARG B 25 -18.38 -6.45 30.66
N LEU B 26 -17.86 -5.25 30.43
CA LEU B 26 -16.61 -4.90 31.05
C LEU B 26 -16.59 -4.87 32.59
N PRO B 27 -17.66 -4.36 33.26
CA PRO B 27 -17.65 -4.44 34.74
C PRO B 27 -17.45 -5.86 35.29
N ALA B 28 -18.14 -6.83 34.70
CA ALA B 28 -17.99 -8.21 35.16
C ALA B 28 -16.62 -8.78 34.80
N VAL B 29 -16.11 -8.46 33.61
CA VAL B 29 -14.74 -8.86 33.26
C VAL B 29 -13.75 -8.33 34.31
N LEU B 30 -13.81 -7.03 34.60
CA LEU B 30 -12.89 -6.41 35.55
C LEU B 30 -13.02 -6.93 37.01
N ASP B 31 -14.24 -7.18 37.45
CA ASP B 31 -14.46 -7.87 38.74
C ASP B 31 -13.74 -9.22 38.81
N LYS B 32 -13.89 -10.04 37.76
CA LYS B 32 -13.29 -11.38 37.77
C LYS B 32 -11.79 -11.28 37.70
N VAL B 33 -11.28 -10.32 36.92
CA VAL B 33 -9.84 -10.10 36.87
C VAL B 33 -9.27 -9.66 38.24
N ASN B 34 -9.99 -8.75 38.90
CA ASN B 34 -9.60 -8.30 40.25
C ASN B 34 -9.52 -9.46 41.25
N GLN B 35 -10.42 -10.44 41.11
CA GLN B 35 -10.41 -11.65 41.95
C GLN B 35 -9.13 -12.46 41.74
N ARG B 36 -8.73 -12.60 40.48
CA ARG B 36 -7.50 -13.33 40.12
C ARG B 36 -6.27 -12.60 40.60
N ILE B 37 -6.27 -11.29 40.42
CA ILE B 37 -5.20 -10.40 40.95
C ILE B 37 -4.95 -10.65 42.45
N ALA B 38 -6.02 -10.67 43.25
CA ALA B 38 -5.93 -10.95 44.69
C ALA B 38 -5.30 -12.33 44.94
N VAL B 39 -5.69 -13.35 44.19
CA VAL B 39 -5.06 -14.70 44.33
C VAL B 39 -3.58 -14.65 43.98
N TYR B 40 -3.22 -13.93 42.90
CA TYR B 40 -1.78 -13.83 42.58
C TYR B 40 -0.98 -13.16 43.70
N ARG B 41 -1.53 -12.10 44.28
CA ARG B 41 -0.90 -11.42 45.42
C ARG B 41 -0.69 -12.38 46.59
N GLN B 42 -1.76 -13.06 47.04
CA GLN B 42 -1.66 -14.08 48.07
C GLN B 42 -0.51 -15.06 47.81
N HIS B 43 -0.28 -15.46 46.56
CA HIS B 43 0.70 -16.49 46.27
C HIS B 43 2.03 -15.97 45.84
N HIS B 44 2.25 -14.66 46.03
CA HIS B 44 3.54 -14.04 45.71
C HIS B 44 3.89 -14.30 44.24
N ALA B 45 2.88 -14.24 43.36
CA ALA B 45 3.04 -14.51 41.91
C ALA B 45 2.91 -13.21 41.11
N PRO B 46 3.79 -12.98 40.11
CA PRO B 46 3.77 -11.67 39.43
C PRO B 46 2.47 -11.37 38.65
N ILE B 47 2.00 -10.13 38.71
CA ILE B 47 0.94 -9.62 37.82
C ILE B 47 1.62 -8.64 36.87
N ILE B 48 1.36 -8.80 35.57
CA ILE B 48 1.97 -8.03 34.51
C ILE B 48 0.87 -7.34 33.73
N PHE B 49 0.83 -6.01 33.83
CA PHE B 49 -0.06 -5.20 32.99
C PHE B 49 0.62 -4.78 31.71
N VAL B 50 0.07 -5.23 30.60
CA VAL B 50 0.53 -4.77 29.29
C VAL B 50 -0.34 -3.61 28.82
N GLN B 51 0.30 -2.58 28.23
CA GLN B 51 -0.39 -1.39 27.73
C GLN B 51 0.09 -1.05 26.30
N HIS B 52 -0.87 -0.96 25.37
CA HIS B 52 -0.66 -0.55 24.01
C HIS B 52 -0.48 0.97 23.98
N GLU B 53 0.41 1.41 23.09
CA GLU B 53 0.53 2.84 22.77
C GLU B 53 0.62 3.07 21.27
N GLU B 54 0.14 4.24 20.83
CA GLU B 54 0.27 4.69 19.43
C GLU B 54 0.01 6.20 19.37
N THR B 55 0.21 6.82 18.20
CA THR B 55 0.02 8.28 18.08
C THR B 55 -1.29 8.77 18.75
N GLU B 56 -2.39 8.04 18.54
CA GLU B 56 -3.72 8.32 19.14
C GLU B 56 -3.93 7.60 20.49
N LEU B 57 -2.84 7.16 21.11
CA LEU B 57 -2.88 6.59 22.46
C LEU B 57 -1.47 6.71 22.99
N PRO B 58 -0.93 7.95 23.05
CA PRO B 58 0.47 7.99 23.44
C PRO B 58 0.62 7.62 24.89
N PHE B 59 1.76 7.02 25.20
CA PHE B 59 2.22 6.74 26.56
C PHE B 59 2.01 7.88 27.58
N GLY B 60 1.31 7.58 28.67
CA GLY B 60 1.11 8.58 29.71
C GLY B 60 -0.09 9.46 29.49
N SER B 61 -0.68 9.43 28.28
CA SER B 61 -1.95 10.14 28.04
C SER B 61 -3.05 9.58 28.94
N ASP B 62 -4.10 10.36 29.16
CA ASP B 62 -5.18 9.99 30.06
C ASP B 62 -5.95 8.77 29.54
N SER B 63 -6.11 8.68 28.22
CA SER B 63 -6.81 7.56 27.59
C SER B 63 -5.94 6.27 27.52
N TRP B 64 -4.61 6.44 27.60
CA TRP B 64 -3.66 5.32 27.73
C TRP B 64 -3.71 4.64 29.10
N GLN B 65 -4.15 5.36 30.13
CA GLN B 65 -4.26 4.80 31.48
C GLN B 65 -5.14 3.53 31.59
N LEU B 66 -4.74 2.66 32.51
CA LEU B 66 -5.51 1.48 32.89
C LEU B 66 -6.85 1.88 33.50
N PHE B 67 -7.85 1.03 33.33
CA PHE B 67 -9.15 1.28 33.94
C PHE B 67 -8.99 1.46 35.44
N GLU B 68 -9.63 2.50 35.96
CA GLU B 68 -9.51 2.86 37.36
C GLU B 68 -9.96 1.73 38.27
N LYS B 69 -11.01 1.02 37.85
CA LYS B 69 -11.53 -0.16 38.55
C LYS B 69 -10.54 -1.30 38.80
N LEU B 70 -9.53 -1.45 37.95
CA LEU B 70 -8.55 -2.51 38.13
C LEU B 70 -7.66 -2.27 39.36
N ASP B 71 -7.43 -3.34 40.10
CA ASP B 71 -6.62 -3.34 41.32
C ASP B 71 -5.11 -3.44 41.03
N THR B 72 -4.57 -2.31 40.53
CA THR B 72 -3.15 -2.17 40.15
C THR B 72 -2.35 -1.59 41.33
N GLN B 73 -1.07 -1.89 41.42
CA GLN B 73 -0.21 -1.31 42.44
C GLN B 73 1.03 -0.92 41.70
N PRO B 74 1.75 0.08 42.22
CA PRO B 74 3.03 0.50 41.63
C PRO B 74 4.05 -0.63 41.54
N THR B 75 3.95 -1.58 42.46
CA THR B 75 4.95 -2.65 42.55
C THR B 75 4.66 -3.85 41.63
N ASP B 76 3.62 -3.74 40.80
CA ASP B 76 3.36 -4.73 39.74
C ASP B 76 4.27 -4.51 38.56
N PHE B 77 4.21 -5.38 37.56
CA PHE B 77 5.05 -5.19 36.38
C PHE B 77 4.26 -4.55 35.26
N PHE B 78 4.91 -3.64 34.51
CA PHE B 78 4.24 -2.92 33.44
C PHE B 78 5.00 -3.01 32.14
N ILE B 79 4.35 -3.48 31.09
CA ILE B 79 4.96 -3.68 29.80
C ILE B 79 4.28 -2.73 28.81
N ARG B 80 5.09 -2.04 28.03
CA ARG B 80 4.68 -1.22 26.89
C ARG B 80 4.86 -2.01 25.62
N LYS B 81 3.88 -1.91 24.71
CA LYS B 81 3.96 -2.50 23.37
C LYS B 81 3.32 -1.59 22.27
N THR B 82 3.67 -1.87 21.00
CA THR B 82 3.09 -1.13 19.85
C THR B 82 2.30 -1.98 18.83
N HIS B 83 2.24 -3.32 19.02
CA HIS B 83 1.48 -4.26 18.17
C HIS B 83 0.45 -5.12 18.94
N ALA B 84 -0.52 -5.73 18.23
CA ALA B 84 -1.41 -6.80 18.81
C ALA B 84 -0.59 -7.91 19.46
N ASN B 85 0.58 -8.20 18.92
CA ASN B 85 1.44 -9.14 19.59
C ASN B 85 2.21 -8.52 20.75
N ALA B 86 1.94 -8.98 21.98
CA ALA B 86 2.61 -8.44 23.17
C ALA B 86 4.09 -8.77 23.35
N PHE B 87 4.57 -9.73 22.57
CA PHE B 87 5.99 -10.12 22.63
C PHE B 87 6.78 -9.37 21.53
N TYR B 88 6.07 -8.67 20.65
CA TYR B 88 6.69 -8.16 19.41
C TYR B 88 7.38 -6.82 19.71
N GLN B 89 8.72 -6.89 19.73
CA GLN B 89 9.58 -5.72 19.98
C GLN B 89 9.32 -5.14 21.38
N THR B 90 9.05 -6.00 22.36
CA THR B 90 8.88 -5.57 23.76
C THR B 90 9.88 -6.34 24.63
N ASN B 91 9.93 -6.04 25.92
CA ASN B 91 10.75 -6.81 26.89
C ASN B 91 9.97 -7.88 27.69
N LEU B 92 8.82 -8.28 27.17
CA LEU B 92 8.00 -9.29 27.87
C LEU B 92 8.76 -10.61 28.06
N ASN B 93 9.34 -11.13 26.99
CA ASN B 93 9.99 -12.43 27.05
C ASN B 93 11.23 -12.38 27.97
N ASP B 94 11.92 -11.25 27.93
CA ASP B 94 13.01 -10.95 28.86
C ASP B 94 12.53 -10.84 30.30
N LEU B 95 11.41 -10.14 30.53
CA LEU B 95 10.85 -10.06 31.89
C LEU B 95 10.46 -11.44 32.40
N LEU B 96 9.85 -12.25 31.55
CA LEU B 96 9.41 -13.61 31.95
C LEU B 96 10.58 -14.57 32.22
N THR B 97 11.63 -14.44 31.43
CA THR B 97 12.89 -15.17 31.67
C THR B 97 13.45 -14.81 33.05
N GLU B 98 13.63 -13.51 33.26
CA GLU B 98 14.16 -12.99 34.52
C GLU B 98 13.32 -13.46 35.71
N GLN B 99 11.99 -13.54 35.55
CA GLN B 99 11.10 -13.95 36.65
C GLN B 99 10.89 -15.47 36.78
N ALA B 100 11.51 -16.22 35.88
CA ALA B 100 11.41 -17.69 35.79
C ALA B 100 9.99 -18.25 35.51
N VAL B 101 9.23 -17.52 34.68
CA VAL B 101 7.84 -17.84 34.39
C VAL B 101 7.70 -18.86 33.22
N GLN B 102 6.99 -19.96 33.49
CA GLN B 102 6.66 -20.93 32.41
CA GLN B 102 6.65 -21.05 32.56
C GLN B 102 5.17 -20.93 32.06
N THR B 103 4.31 -20.56 33.01
CA THR B 103 2.87 -20.61 32.84
C THR B 103 2.32 -19.22 32.89
N LEU B 104 1.42 -18.89 31.96
CA LEU B 104 0.84 -17.56 31.88
C LEU B 104 -0.65 -17.71 31.95
N GLU B 105 -1.27 -17.00 32.85
CA GLU B 105 -2.71 -16.91 32.83
C GLU B 105 -3.07 -15.55 32.19
N ILE B 106 -3.83 -15.63 31.12
CA ILE B 106 -3.99 -14.46 30.21
C ILE B 106 -5.40 -13.93 30.27
N ALA B 107 -5.57 -12.61 30.37
CA ALA B 107 -6.87 -11.93 30.23
C ALA B 107 -6.68 -10.61 29.45
N GLY B 108 -7.74 -10.00 28.93
CA GLY B 108 -7.53 -8.69 28.39
C GLY B 108 -8.53 -8.36 27.34
N VAL B 109 -8.19 -7.32 26.57
CA VAL B 109 -9.04 -6.80 25.49
C VAL B 109 -8.04 -6.38 24.34
N GLN B 110 -8.44 -6.38 23.07
CA GLN B 110 -9.68 -6.93 22.60
C GLN B 110 -9.47 -8.39 22.23
N THR B 111 -10.48 -9.23 22.51
CA THR B 111 -10.49 -10.66 22.18
C THR B 111 -9.79 -11.09 20.92
N GLU B 112 -10.19 -10.53 19.77
CA GLU B 112 -9.74 -11.08 18.53
C GLU B 112 -8.41 -10.50 18.12
N PHE B 113 -8.01 -9.43 18.79
CA PHE B 113 -6.83 -8.65 18.41
C PHE B 113 -5.64 -9.00 19.30
N CYS B 114 -5.26 -8.15 20.25
CA CYS B 114 -4.07 -8.45 21.05
C CYS B 114 -4.19 -9.70 21.91
N VAL B 115 -5.39 -10.00 22.44
CA VAL B 115 -5.51 -11.19 23.34
C VAL B 115 -5.23 -12.47 22.52
N ASP B 116 -6.03 -12.70 21.48
CA ASP B 116 -5.80 -13.81 20.56
C ASP B 116 -4.33 -13.92 20.12
N THR B 117 -3.76 -12.81 19.65
CA THR B 117 -2.40 -12.86 19.13
C THR B 117 -1.43 -13.29 20.21
N THR B 118 -1.55 -12.68 21.37
CA THR B 118 -0.65 -12.97 22.48
C THR B 118 -0.80 -14.43 22.98
N ILE B 119 -2.03 -14.94 22.98
CA ILE B 119 -2.25 -16.38 23.25
C ILE B 119 -1.53 -17.30 22.25
N ARG B 120 -1.77 -17.09 20.95
CA ARG B 120 -1.19 -18.02 19.97
C ARG B 120 0.32 -17.90 19.96
N MSE B 121 0.83 -16.69 20.18
CA MSE B 121 2.30 -16.45 20.30
C MSE B 121 2.88 -17.16 21.55
O MSE B 121 3.89 -17.87 21.47
CB MSE B 121 2.58 -14.96 20.45
CG MSE B 121 4.02 -14.51 20.24
SE MSE B 121 4.82 -15.01 18.44
CE MSE B 121 3.52 -14.87 17.49
N ALA B 122 2.25 -16.93 22.69
CA ALA B 122 2.74 -17.50 23.96
C ALA B 122 2.75 -19.01 23.84
N HIS B 123 1.66 -19.60 23.33
CA HIS B 123 1.66 -21.06 23.09
C HIS B 123 2.80 -21.51 22.16
N GLY B 124 2.92 -20.82 21.02
CA GLY B 124 3.98 -21.15 20.08
C GLY B 124 5.41 -20.97 20.59
N LEU B 125 5.63 -20.03 21.52
CA LEU B 125 6.96 -19.90 22.13
C LEU B 125 7.30 -20.95 23.20
N GLY B 126 6.33 -21.74 23.63
CA GLY B 126 6.60 -22.80 24.62
C GLY B 126 5.94 -22.54 25.97
N TYR B 127 5.22 -21.42 26.14
CA TYR B 127 4.57 -21.18 27.45
C TYR B 127 3.33 -22.04 27.65
N THR B 128 3.05 -22.41 28.91
CA THR B 128 1.82 -23.12 29.26
C THR B 128 0.82 -22.04 29.59
N CYS B 129 -0.30 -22.06 28.88
CA CYS B 129 -1.28 -20.97 28.93
C CYS B 129 -2.57 -21.41 29.57
N LEU B 130 -3.16 -20.49 30.33
CA LEU B 130 -4.35 -20.77 31.16
C LEU B 130 -5.25 -19.58 31.01
N MSE B 131 -6.54 -19.79 31.26
CA MSE B 131 -7.48 -18.69 31.23
C MSE B 131 -8.65 -18.93 32.19
O MSE B 131 -9.20 -19.99 32.21
CB MSE B 131 -8.07 -18.52 29.82
CG MSE B 131 -8.85 -17.22 29.73
SE MSE B 131 -9.32 -16.84 27.85
CE MSE B 131 -7.95 -15.47 27.59
N THR B 132 -9.05 -17.88 32.94
CA THR B 132 -10.21 -17.93 33.80
C THR B 132 -11.42 -17.64 32.91
N PRO B 133 -12.51 -18.41 33.02
CA PRO B 133 -13.66 -18.03 32.15
C PRO B 133 -14.12 -16.57 32.29
N LYS B 134 -14.62 -15.98 31.18
CA LYS B 134 -15.20 -14.61 31.19
C LYS B 134 -14.19 -13.54 31.59
N THR B 135 -12.98 -13.60 31.03
CA THR B 135 -12.01 -12.56 31.36
C THR B 135 -11.46 -11.86 30.09
N THR B 136 -12.14 -12.00 28.95
CA THR B 136 -11.82 -11.20 27.74
C THR B 136 -13.02 -10.41 27.29
N SER B 137 -12.81 -9.29 26.61
CA SER B 137 -13.95 -8.56 26.09
C SER B 137 -13.51 -7.92 24.75
N THR B 138 -14.48 -7.44 23.97
CA THR B 138 -14.19 -6.72 22.73
C THR B 138 -15.42 -5.84 22.38
N LEU B 139 -15.47 -5.34 21.15
CA LEU B 139 -16.58 -4.48 20.69
C LEU B 139 -17.39 -5.14 19.57
N ASP B 140 -18.66 -4.78 19.42
CA ASP B 140 -19.36 -5.08 18.17
C ASP B 140 -18.55 -4.39 17.05
N ASN B 141 -18.35 -5.08 15.93
CA ASN B 141 -17.50 -4.59 14.84
C ASN B 141 -18.18 -4.22 13.49
N GLY B 142 -19.50 -4.07 13.46
CA GLY B 142 -20.21 -3.85 12.19
C GLY B 142 -20.69 -5.15 11.53
N HIS B 143 -20.07 -6.27 11.87
CA HIS B 143 -20.37 -7.54 11.19
C HIS B 143 -20.82 -8.60 12.18
N LEU B 144 -20.18 -8.61 13.35
CA LEU B 144 -20.42 -9.57 14.44
C LEU B 144 -20.59 -8.81 15.74
N THR B 145 -21.36 -9.37 16.66
CA THR B 145 -21.47 -8.81 18.00
C THR B 145 -20.22 -9.21 18.80
N ALA B 146 -19.91 -8.46 19.84
CA ALA B 146 -18.86 -8.79 20.77
C ALA B 146 -19.07 -10.23 21.24
N ALA B 147 -20.33 -10.58 21.50
CA ALA B 147 -20.64 -11.92 22.02
C ALA B 147 -20.31 -13.05 21.03
N GLN B 148 -20.65 -12.86 19.77
CA GLN B 148 -20.27 -13.81 18.74
C GLN B 148 -18.75 -13.92 18.62
N ILE B 149 -18.07 -12.81 18.81
CA ILE B 149 -16.60 -12.77 18.58
C ILE B 149 -15.93 -13.49 19.75
N ILE B 150 -16.34 -13.16 20.95
CA ILE B 150 -15.92 -13.86 22.15
C ILE B 150 -16.15 -15.38 22.03
N GLN B 151 -17.36 -15.81 21.70
CA GLN B 151 -17.68 -17.23 21.55
CA GLN B 151 -17.66 -17.26 21.55
C GLN B 151 -16.69 -17.90 20.58
N HIS B 152 -16.57 -17.31 19.38
CA HIS B 152 -15.69 -17.80 18.35
C HIS B 152 -14.24 -18.06 18.83
N HIS B 153 -13.59 -17.02 19.35
CA HIS B 153 -12.19 -17.10 19.68
C HIS B 153 -11.93 -17.98 20.91
N GLU B 154 -12.77 -17.89 21.93
CA GLU B 154 -12.58 -18.74 23.14
C GLU B 154 -12.69 -20.20 22.81
N ALA B 155 -13.59 -20.58 21.90
CA ALA B 155 -13.72 -21.96 21.46
C ALA B 155 -12.51 -22.42 20.67
N ILE B 156 -11.90 -21.53 19.87
CA ILE B 156 -10.62 -21.90 19.27
C ILE B 156 -9.51 -22.11 20.28
N TRP B 157 -9.43 -21.25 21.27
CA TRP B 157 -8.29 -21.34 22.22
C TRP B 157 -8.32 -22.60 23.10
N ALA B 158 -9.53 -22.96 23.53
CA ALA B 158 -9.75 -23.99 24.56
C ALA B 158 -9.15 -25.29 24.02
N GLY B 159 -8.18 -25.86 24.73
CA GLY B 159 -7.66 -27.18 24.31
C GLY B 159 -6.44 -27.00 23.42
N ARG B 160 -6.59 -26.14 22.42
CA ARG B 160 -5.59 -25.92 21.43
C ARG B 160 -4.43 -25.08 21.88
N PHE B 161 -4.70 -23.92 22.48
CA PHE B 161 -3.62 -23.05 22.94
C PHE B 161 -3.51 -22.94 24.44
N LEU B 162 -4.61 -23.22 25.14
CA LEU B 162 -4.66 -22.94 26.55
C LEU B 162 -5.72 -23.80 27.19
N THR B 163 -5.74 -23.79 28.53
CA THR B 163 -6.72 -24.52 29.30
C THR B 163 -7.54 -23.50 30.08
N PHE B 164 -8.87 -23.59 30.01
CA PHE B 164 -9.73 -22.79 30.89
C PHE B 164 -9.77 -23.39 32.29
N LEU B 165 -9.73 -22.52 33.29
CA LEU B 165 -9.65 -22.93 34.70
C LEU B 165 -11.04 -23.25 35.23
N SER B 166 -11.09 -24.30 36.06
CA SER B 166 -12.30 -24.65 36.79
C SER B 166 -12.16 -24.11 38.20
N LEU B 167 -12.98 -23.13 38.53
CA LEU B 167 -12.81 -22.44 39.78
C LEU B 167 -14.08 -22.53 40.66
N ALA C 1 12.29 -8.83 -5.11
CA ALA C 1 10.82 -8.75 -4.78
C ALA C 1 10.22 -10.15 -4.66
N MSE C 2 10.66 -10.99 -5.62
CA MSE C 2 10.49 -12.44 -5.58
C MSE C 2 11.75 -13.11 -5.05
O MSE C 2 11.82 -14.35 -5.03
CB MSE C 2 10.13 -12.98 -6.98
CG MSE C 2 8.70 -12.75 -7.42
SE MSE C 2 7.34 -13.84 -6.38
CE MSE C 2 7.96 -15.64 -6.80
N LYS C 3 12.74 -12.33 -4.62
CA LYS C 3 13.91 -12.86 -3.87
C LYS C 3 13.54 -13.22 -2.43
N ASN C 4 14.21 -14.20 -1.86
CA ASN C 4 14.06 -14.58 -0.43
C ASN C 4 12.59 -14.70 -0.06
N ARG C 5 11.81 -15.34 -0.93
CA ARG C 5 10.35 -15.42 -0.79
C ARG C 5 9.81 -16.82 -1.17
N ALA C 6 8.90 -17.34 -0.33
CA ALA C 6 8.33 -18.67 -0.52
C ALA C 6 6.82 -18.62 -0.54
N LEU C 7 6.22 -19.57 -1.25
CA LEU C 7 4.77 -19.79 -1.22
C LEU C 7 4.53 -20.85 -0.17
N LEU C 8 3.69 -20.51 0.82
CA LEU C 8 3.49 -21.40 1.98
C LEU C 8 2.03 -21.85 1.98
N LEU C 9 1.80 -23.09 1.59
CA LEU C 9 0.44 -23.59 1.35
C LEU C 9 -0.03 -24.59 2.42
N ILE C 10 -0.98 -24.13 3.20
CA ILE C 10 -1.31 -24.81 4.47
C ILE C 10 -2.50 -25.76 4.35
N ASP C 11 -2.20 -27.05 4.52
CA ASP C 11 -3.21 -28.08 4.88
C ASP C 11 -4.27 -28.31 3.80
N PHE C 12 -3.81 -28.22 2.55
CA PHE C 12 -4.68 -28.44 1.43
C PHE C 12 -4.91 -29.91 1.20
N GLN C 13 -5.58 -30.55 2.17
CA GLN C 13 -5.63 -32.03 2.25
C GLN C 13 -7.06 -32.52 2.16
N LYS C 14 -7.23 -33.67 1.52
CA LYS C 14 -8.56 -34.20 1.19
C LYS C 14 -9.46 -34.41 2.41
N GLY C 15 -8.89 -34.90 3.53
CA GLY C 15 -9.66 -35.26 4.72
C GLY C 15 -10.00 -34.05 5.57
N ILE C 16 -9.63 -32.84 5.13
CA ILE C 16 -10.17 -31.68 5.85
C ILE C 16 -11.69 -31.33 5.63
N GLU C 17 -12.25 -31.60 4.45
CA GLU C 17 -13.56 -32.18 4.17
C GLU C 17 -14.11 -33.58 4.38
N SER C 18 -15.44 -33.61 4.31
CA SER C 18 -16.24 -34.81 4.37
C SER C 18 -17.37 -34.62 3.38
N PRO C 19 -18.06 -35.73 2.99
CA PRO C 19 -19.18 -35.56 2.05
C PRO C 19 -20.24 -34.54 2.56
N THR C 20 -20.36 -34.46 3.87
CA THR C 20 -21.30 -33.60 4.56
C THR C 20 -20.78 -32.17 4.79
N GLN C 21 -19.46 -32.00 4.77
CA GLN C 21 -18.83 -30.71 5.12
C GLN C 21 -17.80 -30.29 4.10
N GLN C 22 -18.25 -29.53 3.11
CA GLN C 22 -17.39 -29.04 2.04
C GLN C 22 -16.69 -27.72 2.42
N LEU C 23 -15.41 -27.59 2.07
CA LEU C 23 -14.73 -26.29 2.27
C LEU C 23 -15.37 -25.20 1.36
N TYR C 24 -15.59 -24.02 1.92
CA TYR C 24 -16.34 -22.97 1.24
C TYR C 24 -15.60 -22.50 -0.02
N ARG C 25 -16.23 -22.71 -1.18
CA ARG C 25 -15.69 -22.26 -2.50
C ARG C 25 -14.30 -22.71 -2.73
N LEU C 26 -14.00 -23.94 -2.30
CA LEU C 26 -12.68 -24.54 -2.55
C LEU C 26 -12.13 -24.57 -4.04
N PRO C 27 -12.97 -24.91 -5.04
CA PRO C 27 -12.37 -24.94 -6.38
C PRO C 27 -11.72 -23.63 -6.85
N ALA C 28 -12.35 -22.49 -6.60
CA ALA C 28 -11.77 -21.18 -6.95
C ALA C 28 -10.47 -20.88 -6.15
N VAL C 29 -10.42 -21.31 -4.87
CA VAL C 29 -9.19 -21.17 -4.08
C VAL C 29 -8.12 -22.02 -4.72
N LEU C 30 -8.46 -23.25 -5.11
CA LEU C 30 -7.39 -24.10 -5.69
C LEU C 30 -6.91 -23.55 -7.03
N ASP C 31 -7.83 -22.96 -7.78
CA ASP C 31 -7.44 -22.28 -9.02
C ASP C 31 -6.45 -21.15 -8.82
N LYS C 32 -6.77 -20.20 -7.93
CA LYS C 32 -5.87 -19.08 -7.64
C LYS C 32 -4.52 -19.53 -7.07
N VAL C 33 -4.55 -20.59 -6.25
CA VAL C 33 -3.30 -21.12 -5.73
C VAL C 33 -2.46 -21.74 -6.84
N ASN C 34 -3.07 -22.55 -7.69
CA ASN C 34 -2.33 -23.14 -8.86
C ASN C 34 -1.70 -22.10 -9.76
N GLN C 35 -2.36 -20.94 -9.84
CA GLN C 35 -1.88 -19.76 -10.62
C GLN C 35 -0.64 -19.21 -9.92
N ARG C 36 -0.63 -19.24 -8.57
CA ARG C 36 0.54 -18.74 -7.84
C ARG C 36 1.65 -19.77 -7.90
N ILE C 37 1.29 -21.06 -7.83
CA ILE C 37 2.31 -22.08 -8.04
C ILE C 37 3.05 -21.75 -9.37
N ALA C 38 2.29 -21.59 -10.46
CA ALA C 38 2.89 -21.25 -11.76
C ALA C 38 3.87 -20.07 -11.61
N VAL C 39 3.45 -18.94 -11.06
CA VAL C 39 4.37 -17.83 -10.80
C VAL C 39 5.65 -18.25 -10.04
N TYR C 40 5.53 -19.04 -8.95
CA TYR C 40 6.69 -19.36 -8.12
C TYR C 40 7.65 -20.23 -8.90
N ARG C 41 7.11 -21.15 -9.68
CA ARG C 41 7.97 -22.03 -10.51
C ARG C 41 8.77 -21.28 -11.62
N GLN C 42 8.16 -20.23 -12.17
CA GLN C 42 8.74 -19.34 -13.24
C GLN C 42 9.94 -18.59 -12.67
N HIS C 43 9.89 -18.27 -11.37
CA HIS C 43 10.92 -17.47 -10.72
C HIS C 43 11.86 -18.32 -9.94
N HIS C 44 11.70 -19.63 -10.11
CA HIS C 44 12.45 -20.63 -9.37
C HIS C 44 12.44 -20.35 -7.87
N ALA C 45 11.23 -20.05 -7.35
CA ALA C 45 11.01 -19.66 -5.95
C ALA C 45 10.38 -20.83 -5.16
N PRO C 46 10.82 -21.04 -3.89
CA PRO C 46 10.39 -22.19 -3.08
C PRO C 46 8.89 -22.21 -2.86
N ILE C 47 8.32 -23.39 -3.09
CA ILE C 47 6.94 -23.66 -2.77
C ILE C 47 6.97 -24.73 -1.64
N ILE C 48 6.25 -24.44 -0.59
CA ILE C 48 6.23 -25.26 0.64
C ILE C 48 4.80 -25.63 0.98
N PHE C 49 4.50 -26.94 0.90
CA PHE C 49 3.23 -27.52 1.32
C PHE C 49 3.35 -28.03 2.78
N VAL C 50 2.44 -27.56 3.63
CA VAL C 50 2.30 -28.04 5.04
C VAL C 50 1.16 -29.05 5.05
N GLN C 51 1.40 -30.24 5.67
CA GLN C 51 0.36 -31.23 5.85
C GLN C 51 0.27 -31.58 7.31
N HIS C 52 -0.92 -31.46 7.84
CA HIS C 52 -1.26 -31.81 9.23
C HIS C 52 -1.45 -33.31 9.33
N GLU C 53 -1.11 -33.87 10.50
CA GLU C 53 -1.38 -35.25 10.75
C GLU C 53 -1.98 -35.40 12.18
N GLU C 54 -2.93 -36.30 12.31
CA GLU C 54 -3.57 -36.54 13.61
C GLU C 54 -4.44 -37.80 13.47
N THR C 55 -4.98 -38.30 14.59
CA THR C 55 -5.62 -39.60 14.51
C THR C 55 -6.72 -39.59 13.41
N GLU C 56 -7.43 -38.48 13.25
CA GLU C 56 -8.43 -38.35 12.19
C GLU C 56 -7.85 -37.93 10.83
N LEU C 57 -6.55 -37.71 10.74
CA LEU C 57 -5.89 -37.47 9.46
C LEU C 57 -4.56 -38.25 9.42
N PRO C 58 -4.65 -39.59 9.39
CA PRO C 58 -3.39 -40.36 9.65
C PRO C 58 -2.28 -40.11 8.61
N PHE C 59 -1.06 -39.93 9.08
CA PHE C 59 0.03 -39.64 8.19
C PHE C 59 0.07 -40.64 7.04
N GLY C 60 0.23 -40.14 5.82
CA GLY C 60 0.37 -40.97 4.63
C GLY C 60 -0.91 -41.60 4.09
N SER C 61 -2.04 -41.43 4.78
CA SER C 61 -3.33 -42.01 4.35
C SER C 61 -3.86 -41.23 3.13
N ASP C 62 -4.89 -41.81 2.48
CA ASP C 62 -5.57 -41.15 1.35
C ASP C 62 -6.11 -39.81 1.81
N SER C 63 -6.65 -39.73 3.01
CA SER C 63 -7.29 -38.51 3.49
C SER C 63 -6.27 -37.40 3.87
N TRP C 64 -5.08 -37.82 4.25
CA TRP C 64 -3.96 -36.91 4.54
C TRP C 64 -3.33 -36.27 3.29
N GLN C 65 -3.49 -36.93 2.14
CA GLN C 65 -2.89 -36.48 0.88
C GLN C 65 -3.49 -35.13 0.42
N LEU C 66 -2.66 -34.39 -0.31
CA LEU C 66 -3.07 -33.13 -0.87
C LEU C 66 -4.15 -33.38 -1.94
N PHE C 67 -5.12 -32.48 -2.00
CA PHE C 67 -6.05 -32.34 -3.13
C PHE C 67 -5.34 -32.60 -4.45
N GLU C 68 -5.88 -33.51 -5.24
CA GLU C 68 -5.21 -33.88 -6.50
C GLU C 68 -5.18 -32.73 -7.52
N LYS C 69 -6.06 -31.74 -7.36
CA LYS C 69 -6.09 -30.58 -8.25
C LYS C 69 -4.82 -29.72 -8.16
N LEU C 70 -4.16 -29.71 -7.01
CA LEU C 70 -2.92 -28.94 -6.84
C LEU C 70 -1.78 -29.47 -7.70
N ASP C 71 -1.06 -28.52 -8.33
CA ASP C 71 0.09 -28.83 -9.19
C ASP C 71 1.33 -28.84 -8.29
N THR C 72 1.71 -30.01 -7.81
CA THR C 72 2.88 -30.16 -6.97
C THR C 72 4.01 -30.80 -7.75
N GLN C 73 5.21 -30.72 -7.21
CA GLN C 73 6.33 -31.38 -7.86
C GLN C 73 7.13 -32.05 -6.79
N PRO C 74 7.76 -33.19 -7.12
CA PRO C 74 8.64 -33.87 -6.18
C PRO C 74 9.69 -32.93 -5.58
N THR C 75 9.99 -31.85 -6.31
CA THR C 75 10.98 -30.82 -5.97
C THR C 75 10.55 -29.70 -5.02
N ASP C 76 9.25 -29.53 -4.86
CA ASP C 76 8.68 -28.70 -3.79
C ASP C 76 9.07 -29.19 -2.39
N PHE C 77 8.87 -28.37 -1.35
CA PHE C 77 9.17 -28.75 0.06
C PHE C 77 7.89 -29.18 0.74
N PHE C 78 7.99 -30.12 1.69
CA PHE C 78 6.80 -30.65 2.37
C PHE C 78 7.11 -30.66 3.83
N ILE C 79 6.23 -30.03 4.61
CA ILE C 79 6.38 -29.89 6.07
C ILE C 79 5.27 -30.68 6.78
N ARG C 80 5.66 -31.58 7.70
CA ARG C 80 4.67 -32.26 8.51
C ARG C 80 4.45 -31.42 9.76
N LYS C 81 3.19 -31.35 10.21
CA LYS C 81 2.86 -30.70 11.46
C LYS C 81 1.76 -31.43 12.19
N THR C 82 1.68 -31.17 13.49
CA THR C 82 0.70 -31.81 14.37
C THR C 82 -0.21 -30.81 15.18
N HIS C 83 0.13 -29.50 15.18
CA HIS C 83 -0.66 -28.43 15.83
C HIS C 83 -1.13 -27.40 14.81
N ALA C 84 -2.13 -26.56 15.15
CA ALA C 84 -2.54 -25.44 14.21
C ALA C 84 -1.36 -24.61 13.81
N ASN C 85 -0.45 -24.39 14.74
CA ASN C 85 0.78 -23.62 14.40
C ASN C 85 1.77 -24.42 13.49
N ALA C 86 1.94 -24.01 12.22
CA ALA C 86 2.89 -24.67 11.30
C ALA C 86 4.34 -24.61 11.75
N PHE C 87 4.66 -23.77 12.72
CA PHE C 87 6.03 -23.67 13.22
C PHE C 87 6.26 -24.56 14.46
N TYR C 88 5.19 -24.96 15.11
CA TYR C 88 5.25 -25.58 16.44
C TYR C 88 5.72 -27.03 16.35
N GLN C 89 6.97 -27.26 16.78
CA GLN C 89 7.64 -28.59 16.77
C GLN C 89 7.81 -29.16 15.35
N THR C 90 8.03 -28.28 14.37
CA THR C 90 8.27 -28.69 13.00
C THR C 90 9.62 -28.15 12.55
N ASN C 91 10.03 -28.53 11.34
CA ASN C 91 11.26 -27.96 10.81
C ASN C 91 11.05 -26.75 9.88
N LEU C 92 9.86 -26.17 9.96
CA LEU C 92 9.50 -25.05 9.03
C LEU C 92 10.49 -23.92 9.15
N ASN C 93 10.75 -23.44 10.36
CA ASN C 93 11.69 -22.36 10.57
C ASN C 93 13.13 -22.68 10.10
N ASP C 94 13.51 -23.95 10.21
CA ASP C 94 14.83 -24.40 9.75
C ASP C 94 14.91 -24.43 8.23
N LEU C 95 13.86 -24.94 7.62
CA LEU C 95 13.74 -24.92 6.18
C LEU C 95 13.82 -23.47 5.66
N LEU C 96 13.07 -22.56 6.29
CA LEU C 96 13.00 -21.15 5.89
C LEU C 96 14.37 -20.45 6.00
N THR C 97 15.09 -20.76 7.08
CA THR C 97 16.46 -20.25 7.27
C THR C 97 17.41 -20.79 6.21
N GLU C 98 17.46 -22.11 6.07
CA GLU C 98 18.25 -22.81 5.05
C GLU C 98 18.01 -22.25 3.65
N GLN C 99 16.78 -21.82 3.37
CA GLN C 99 16.40 -21.31 2.06
C GLN C 99 16.57 -19.78 1.94
N ALA C 100 17.09 -19.17 3.01
CA ALA C 100 17.19 -17.72 3.14
C ALA C 100 15.87 -16.99 2.72
N VAL C 101 14.76 -17.42 3.33
CA VAL C 101 13.42 -16.87 3.05
C VAL C 101 13.06 -15.82 4.13
N GLN C 102 12.80 -14.57 3.71
CA GLN C 102 12.30 -13.50 4.60
C GLN C 102 10.77 -13.24 4.42
N THR C 103 10.26 -13.57 3.23
CA THR C 103 8.90 -13.19 2.87
C THR C 103 8.10 -14.44 2.60
N LEU C 104 6.88 -14.48 3.18
CA LEU C 104 6.00 -15.62 3.04
C LEU C 104 4.70 -15.20 2.41
N GLU C 105 4.33 -15.82 1.30
CA GLU C 105 2.98 -15.62 0.77
C GLU C 105 2.17 -16.86 1.22
N ILE C 106 1.17 -16.64 2.08
CA ILE C 106 0.50 -17.73 2.82
C ILE C 106 -0.88 -17.96 2.28
N ALA C 107 -1.27 -19.23 2.06
CA ALA C 107 -2.64 -19.60 1.68
C ALA C 107 -2.92 -20.89 2.43
N GLY C 108 -4.20 -21.23 2.55
CA GLY C 108 -4.54 -22.55 3.08
C GLY C 108 -5.87 -22.63 3.78
N VAL C 109 -6.06 -23.74 4.51
CA VAL C 109 -7.28 -24.02 5.28
C VAL C 109 -6.79 -24.59 6.64
N GLN C 110 -7.58 -24.46 7.72
CA GLN C 110 -8.81 -23.69 7.79
C GLN C 110 -8.45 -22.33 8.28
N THR C 111 -9.11 -21.32 7.75
CA THR C 111 -8.91 -19.87 8.03
C THR C 111 -8.61 -19.57 9.51
N GLU C 112 -9.48 -20.04 10.42
CA GLU C 112 -9.43 -19.56 11.79
C GLU C 112 -8.47 -20.37 12.65
N PHE C 113 -8.02 -21.51 12.12
CA PHE C 113 -7.20 -22.43 12.91
C PHE C 113 -5.78 -22.30 12.39
N CYS C 114 -5.39 -23.22 11.53
CA CYS C 114 -4.00 -23.34 11.11
C CYS C 114 -3.50 -22.10 10.41
N VAL C 115 -4.38 -21.48 9.63
CA VAL C 115 -3.93 -20.37 8.75
C VAL C 115 -3.73 -19.15 9.63
N ASP C 116 -4.76 -18.77 10.37
CA ASP C 116 -4.66 -17.67 11.30
C ASP C 116 -3.45 -17.86 12.23
N THR C 117 -3.38 -19.00 12.94
CA THR C 117 -2.22 -19.24 13.81
C THR C 117 -0.85 -19.03 13.11
N THR C 118 -0.70 -19.65 11.94
CA THR C 118 0.57 -19.62 11.25
C THR C 118 0.95 -18.18 10.78
N ILE C 119 -0.04 -17.39 10.42
CA ILE C 119 0.14 -15.94 10.05
C ILE C 119 0.57 -15.10 11.27
N ARG C 120 -0.14 -15.25 12.40
CA ARG C 120 0.23 -14.51 13.61
C ARG C 120 1.64 -14.92 14.10
N MSE C 121 1.90 -16.21 14.04
CA MSE C 121 3.25 -16.69 14.38
C MSE C 121 4.35 -16.16 13.46
O MSE C 121 5.38 -15.67 13.95
CB MSE C 121 3.32 -18.23 14.40
CG MSE C 121 4.64 -18.76 15.02
SE MSE C 121 4.74 -18.48 17.00
CE MSE C 121 3.10 -18.06 17.39
N ALA C 122 4.15 -16.31 12.14
CA ALA C 122 5.19 -15.88 11.16
C ALA C 122 5.47 -14.41 11.34
N HIS C 123 4.41 -13.62 11.52
CA HIS C 123 4.59 -12.17 11.63
C HIS C 123 5.40 -11.88 12.91
N GLY C 124 5.01 -12.53 14.00
CA GLY C 124 5.67 -12.43 15.29
C GLY C 124 7.12 -12.84 15.33
N LEU C 125 7.51 -13.80 14.50
CA LEU C 125 8.86 -14.24 14.32
C LEU C 125 9.68 -13.30 13.42
N GLY C 126 9.01 -12.33 12.81
CA GLY C 126 9.67 -11.32 11.96
C GLY C 126 9.69 -11.59 10.47
N TYR C 127 8.92 -12.59 10.01
CA TYR C 127 8.76 -12.77 8.56
C TYR C 127 7.84 -11.71 8.03
N THR C 128 8.10 -11.28 6.79
CA THR C 128 7.19 -10.38 6.08
C THR C 128 6.15 -11.23 5.40
N CYS C 129 4.87 -10.97 5.70
CA CYS C 129 3.82 -11.86 5.20
C CYS C 129 2.94 -11.24 4.10
N LEU C 130 2.63 -12.03 3.09
CA LEU C 130 1.73 -11.63 2.01
C LEU C 130 0.61 -12.63 1.84
N MSE C 131 -0.47 -12.18 1.22
CA MSE C 131 -1.56 -13.04 0.87
C MSE C 131 -2.28 -12.63 -0.42
O MSE C 131 -2.67 -11.49 -0.58
CB MSE C 131 -2.58 -13.09 2.03
CG MSE C 131 -3.67 -14.02 1.75
SE MSE C 131 -4.74 -14.35 3.36
CE MSE C 131 -3.71 -15.93 3.91
N THR C 132 -2.46 -13.58 -1.33
CA THR C 132 -3.32 -13.39 -2.50
C THR C 132 -4.82 -13.41 -2.07
N PRO C 133 -5.59 -12.37 -2.46
CA PRO C 133 -6.99 -12.38 -2.09
C PRO C 133 -7.70 -13.69 -2.48
N LYS C 134 -8.64 -14.10 -1.62
CA LYS C 134 -9.43 -15.34 -1.77
C LYS C 134 -8.63 -16.63 -1.83
N THR C 135 -7.63 -16.80 -0.96
CA THR C 135 -6.90 -18.06 -1.02
C THR C 135 -6.98 -18.79 0.37
N THR C 136 -7.94 -18.43 1.19
CA THR C 136 -8.26 -19.26 2.40
C THR C 136 -9.68 -19.78 2.37
N SER C 137 -9.93 -20.90 3.07
CA SER C 137 -11.28 -21.37 3.13
C SER C 137 -11.44 -22.07 4.49
N THR C 138 -12.70 -22.28 4.88
CA THR C 138 -12.95 -23.03 6.16
C THR C 138 -14.35 -23.63 5.98
N LEU C 139 -14.90 -24.16 7.06
CA LEU C 139 -16.24 -24.75 7.10
C LEU C 139 -17.19 -23.91 7.93
N ASP C 140 -18.50 -24.04 7.68
CA ASP C 140 -19.52 -23.52 8.59
C ASP C 140 -19.34 -24.25 9.93
N ASN C 141 -19.51 -23.56 11.05
CA ASN C 141 -19.13 -24.14 12.34
C ASN C 141 -20.31 -24.29 13.29
N GLY C 142 -21.50 -23.99 12.81
CA GLY C 142 -22.66 -24.10 13.68
C GLY C 142 -23.01 -22.81 14.40
N HIS C 143 -22.08 -21.87 14.47
CA HIS C 143 -22.35 -20.57 15.07
C HIS C 143 -22.24 -19.48 14.00
N LEU C 144 -21.25 -19.68 13.14
CA LEU C 144 -20.93 -18.75 12.10
C LEU C 144 -20.77 -19.54 10.78
N THR C 145 -21.13 -18.92 9.65
CA THR C 145 -20.82 -19.51 8.34
C THR C 145 -19.36 -19.30 7.98
N ALA C 146 -18.85 -20.14 7.09
CA ALA C 146 -17.54 -19.99 6.54
C ALA C 146 -17.30 -18.58 6.05
N ALA C 147 -18.27 -17.97 5.35
CA ALA C 147 -18.07 -16.61 4.83
C ALA C 147 -17.87 -15.60 5.95
N GLN C 148 -18.66 -15.73 7.00
CA GLN C 148 -18.50 -14.86 8.16
C GLN C 148 -17.11 -15.04 8.80
N ILE C 149 -16.73 -16.30 8.96
CA ILE C 149 -15.38 -16.64 9.51
C ILE C 149 -14.30 -16.05 8.65
N ILE C 150 -14.38 -16.31 7.33
CA ILE C 150 -13.39 -15.79 6.42
C ILE C 150 -13.30 -14.26 6.50
N GLN C 151 -14.45 -13.56 6.43
CA GLN C 151 -14.50 -12.10 6.48
C GLN C 151 -13.81 -11.57 7.75
N HIS C 152 -14.13 -12.20 8.87
CA HIS C 152 -13.67 -11.77 10.19
C HIS C 152 -12.15 -11.87 10.29
N HIS C 153 -11.61 -13.02 9.92
CA HIS C 153 -10.20 -13.27 10.13
C HIS C 153 -9.39 -12.46 9.14
N GLU C 154 -9.84 -12.43 7.90
CA GLU C 154 -9.05 -11.71 6.85
C GLU C 154 -8.97 -10.19 7.11
N ALA C 155 -10.04 -9.60 7.64
CA ALA C 155 -10.05 -8.22 8.16
C ALA C 155 -9.04 -7.97 9.28
N ILE C 156 -8.93 -8.93 10.20
CA ILE C 156 -7.90 -8.82 11.22
C ILE C 156 -6.51 -8.87 10.57
N TRP C 157 -6.29 -9.80 9.65
CA TRP C 157 -4.93 -9.93 9.13
C TRP C 157 -4.45 -8.73 8.32
N ALA C 158 -5.35 -8.13 7.55
CA ALA C 158 -5.04 -6.97 6.65
C ALA C 158 -4.38 -5.83 7.38
N GLY C 159 -3.11 -5.59 7.07
CA GLY C 159 -2.43 -4.36 7.51
C GLY C 159 -1.69 -4.66 8.79
N ARG C 160 -2.29 -5.53 9.60
CA ARG C 160 -1.77 -5.87 10.92
C ARG C 160 -0.72 -6.98 10.90
N PHE C 161 -0.99 -8.09 10.24
CA PHE C 161 -0.01 -9.16 10.14
C PHE C 161 0.56 -9.34 8.75
N LEU C 162 -0.16 -8.89 7.72
CA LEU C 162 0.28 -9.18 6.36
C LEU C 162 -0.27 -8.11 5.41
N THR C 163 0.19 -8.16 4.17
CA THR C 163 -0.40 -7.31 3.08
C THR C 163 -1.07 -8.19 2.05
N PHE C 164 -2.31 -7.90 1.77
CA PHE C 164 -2.98 -8.52 0.64
C PHE C 164 -2.41 -8.04 -0.70
N LEU C 165 -2.19 -8.98 -1.63
CA LEU C 165 -1.77 -8.69 -3.02
C LEU C 165 -2.94 -8.24 -3.94
N SER C 166 -2.63 -7.67 -5.11
CA SER C 166 -3.63 -7.01 -6.01
C SER C 166 -4.12 -8.00 -7.05
N LEU C 167 -5.32 -7.80 -7.57
CA LEU C 167 -5.70 -8.45 -8.82
C LEU C 167 -4.99 -7.77 -10.06
N ALA D 1 1.10 40.35 -27.07
CA ALA D 1 1.94 39.29 -26.44
C ALA D 1 1.83 39.28 -24.91
N MSE D 2 1.57 40.45 -24.32
CA MSE D 2 1.37 40.59 -22.87
C MSE D 2 -0.10 40.72 -22.48
O MSE D 2 -0.39 41.01 -21.34
CB MSE D 2 2.19 41.74 -22.28
CG MSE D 2 3.69 41.46 -22.10
SE MSE D 2 4.01 40.06 -20.73
CE MSE D 2 3.20 40.89 -19.20
N LYS D 3 -1.01 40.53 -23.42
CA LYS D 3 -2.44 40.51 -23.10
C LYS D 3 -2.94 39.06 -22.88
N ASN D 4 -3.97 38.90 -22.04
CA ASN D 4 -4.53 37.59 -21.69
C ASN D 4 -3.44 36.65 -21.21
N ARG D 5 -2.57 37.18 -20.38
CA ARG D 5 -1.34 36.49 -19.99
C ARG D 5 -1.11 36.69 -18.50
N ALA D 6 -0.81 35.57 -17.76
CA ALA D 6 -0.51 35.62 -16.35
C ALA D 6 0.82 34.98 -16.07
N LEU D 7 1.44 35.45 -15.01
CA LEU D 7 2.62 34.84 -14.44
C LEU D 7 2.13 33.92 -13.27
N LEU D 8 2.47 32.63 -13.38
CA LEU D 8 2.02 31.65 -12.44
C LEU D 8 3.23 31.14 -11.65
N LEU D 9 3.28 31.47 -10.34
CA LEU D 9 4.49 31.29 -9.53
C LEU D 9 4.21 30.24 -8.46
N ILE D 10 4.81 29.06 -8.61
CA ILE D 10 4.37 27.88 -7.90
C ILE D 10 5.23 27.55 -6.66
N ASP D 11 4.56 27.57 -5.52
CA ASP D 11 5.11 27.04 -4.24
C ASP D 11 6.43 27.63 -3.84
N PHE D 12 6.61 28.91 -4.02
CA PHE D 12 7.77 29.63 -3.55
C PHE D 12 7.61 29.99 -2.06
N GLN D 13 7.62 28.96 -1.22
CA GLN D 13 7.35 29.09 0.22
C GLN D 13 8.57 28.68 1.09
N LYS D 14 8.74 29.39 2.21
CA LYS D 14 9.92 29.25 3.09
C LYS D 14 10.22 27.79 3.44
N GLY D 15 9.19 27.04 3.79
CA GLY D 15 9.38 25.67 4.29
C GLY D 15 9.59 24.55 3.28
N ILE D 16 9.97 24.88 2.03
CA ILE D 16 10.26 23.80 1.07
C ILE D 16 11.64 23.00 1.05
N GLU D 17 12.84 23.52 1.28
CA GLU D 17 13.42 24.36 2.34
C GLU D 17 13.44 24.00 3.84
N SER D 18 14.37 23.11 4.17
CA SER D 18 14.81 22.80 5.52
C SER D 18 16.32 23.15 5.66
N PRO D 19 16.84 23.22 6.91
CA PRO D 19 18.30 23.32 7.11
C PRO D 19 19.17 22.33 6.30
N THR D 20 18.79 21.06 6.26
CA THR D 20 19.60 20.04 5.55
C THR D 20 19.38 20.00 4.03
N GLN D 21 18.29 20.61 3.55
CA GLN D 21 17.91 20.54 2.14
C GLN D 21 17.69 21.94 1.54
N GLN D 22 18.72 22.50 0.90
CA GLN D 22 18.63 23.78 0.22
CA GLN D 22 18.58 23.78 0.23
C GLN D 22 18.26 23.60 -1.26
N LEU D 23 17.29 24.37 -1.72
CA LEU D 23 16.92 24.41 -3.15
C LEU D 23 18.08 24.91 -4.02
N TYR D 24 18.30 24.26 -5.15
CA TYR D 24 19.41 24.52 -6.05
C TYR D 24 19.34 25.92 -6.69
N ARG D 25 20.38 26.72 -6.41
CA ARG D 25 20.54 28.07 -6.88
C ARG D 25 19.31 28.96 -6.70
N LEU D 26 18.67 28.87 -5.53
CA LEU D 26 17.45 29.64 -5.23
C LEU D 26 17.61 31.16 -5.27
N PRO D 27 18.71 31.70 -4.69
CA PRO D 27 18.83 33.17 -4.78
C PRO D 27 18.65 33.70 -6.20
N ALA D 28 19.34 33.12 -7.19
CA ALA D 28 19.24 33.63 -8.58
C ALA D 28 17.89 33.37 -9.19
N VAL D 29 17.19 32.30 -8.75
CA VAL D 29 15.86 32.01 -9.28
C VAL D 29 14.90 33.13 -8.82
N LEU D 30 14.90 33.44 -7.53
CA LEU D 30 14.05 34.50 -6.99
C LEU D 30 14.36 35.90 -7.59
N ASP D 31 15.63 36.17 -7.87
CA ASP D 31 16.01 37.42 -8.51
C ASP D 31 15.41 37.48 -9.93
N LYS D 32 15.49 36.37 -10.66
CA LYS D 32 14.94 36.30 -12.02
C LYS D 32 13.40 36.40 -11.97
N VAL D 33 12.78 35.73 -11.00
CA VAL D 33 11.32 35.83 -10.80
C VAL D 33 10.88 37.25 -10.43
N ASN D 34 11.56 37.90 -9.49
CA ASN D 34 11.27 39.31 -9.23
C ASN D 34 11.36 40.23 -10.50
N GLN D 35 12.31 39.96 -11.39
CA GLN D 35 12.40 40.71 -12.68
C GLN D 35 11.16 40.52 -13.54
N ARG D 36 10.64 39.29 -13.58
CA ARG D 36 9.41 39.02 -14.32
C ARG D 36 8.23 39.69 -13.67
N ILE D 37 8.13 39.55 -12.34
CA ILE D 37 7.09 40.24 -11.57
C ILE D 37 7.04 41.70 -11.98
N ALA D 38 8.20 42.34 -11.99
CA ALA D 38 8.26 43.75 -12.30
C ALA D 38 7.70 44.05 -13.71
N VAL D 39 7.99 43.20 -14.68
CA VAL D 39 7.43 43.38 -16.07
C VAL D 39 5.89 43.21 -16.05
N TYR D 40 5.39 42.22 -15.32
CA TYR D 40 3.95 42.02 -15.21
C TYR D 40 3.26 43.21 -14.56
N ARG D 41 3.89 43.79 -13.54
CA ARG D 41 3.32 45.00 -12.87
C ARG D 41 3.23 46.20 -13.80
N GLN D 42 4.32 46.44 -14.51
CA GLN D 42 4.38 47.48 -15.56
C GLN D 42 3.26 47.34 -16.58
N HIS D 43 2.96 46.12 -17.01
CA HIS D 43 1.89 45.90 -18.00
C HIS D 43 0.50 45.76 -17.36
N HIS D 44 0.40 45.83 -16.03
CA HIS D 44 -0.84 45.54 -15.25
C HIS D 44 -1.39 44.17 -15.63
N ALA D 45 -0.49 43.17 -15.69
CA ALA D 45 -0.84 41.83 -16.10
C ALA D 45 -0.90 40.98 -14.80
N PRO D 46 -1.84 40.03 -14.75
CA PRO D 46 -2.07 39.26 -13.48
C PRO D 46 -0.86 38.40 -13.04
N ILE D 47 -0.58 38.40 -11.73
CA ILE D 47 0.47 37.61 -11.15
C ILE D 47 -0.24 36.73 -10.09
N ILE D 48 -0.03 35.43 -10.19
CA ILE D 48 -0.77 34.43 -9.38
C ILE D 48 0.25 33.58 -8.65
N PHE D 49 0.22 33.64 -7.31
CA PHE D 49 1.09 32.80 -6.50
C PHE D 49 0.31 31.57 -6.08
N VAL D 50 0.90 30.40 -6.25
CA VAL D 50 0.30 29.14 -5.75
C VAL D 50 1.05 28.72 -4.48
N GLN D 51 0.31 28.45 -3.42
CA GLN D 51 0.88 27.99 -2.17
C GLN D 51 0.27 26.65 -1.78
N HIS D 52 1.17 25.71 -1.50
CA HIS D 52 0.82 24.35 -1.12
C HIS D 52 0.57 24.36 0.41
N GLU D 53 -0.32 23.50 0.84
CA GLU D 53 -0.59 23.33 2.29
C GLU D 53 -0.70 21.85 2.57
N GLU D 54 -0.12 21.41 3.68
CA GLU D 54 -0.18 20.01 4.10
C GLU D 54 0.19 19.98 5.56
N THR D 55 0.19 18.78 6.16
N THR D 55 0.22 18.79 6.17
CA THR D 55 0.47 18.70 7.59
CA THR D 55 0.52 18.69 7.61
C THR D 55 1.84 19.31 7.92
C THR D 55 1.87 19.36 7.94
N GLU D 56 2.87 19.11 7.09
CA GLU D 56 4.17 19.72 7.45
CA GLU D 56 4.23 19.63 7.22
C GLU D 56 4.43 21.09 6.77
N LEU D 57 3.39 21.69 6.20
CA LEU D 57 3.43 23.08 5.69
C LEU D 57 2.04 23.67 5.97
N PRO D 58 1.70 23.81 7.28
CA PRO D 58 0.31 24.11 7.66
C PRO D 58 -0.13 25.47 7.16
N PHE D 59 -1.41 25.57 6.79
CA PHE D 59 -1.94 26.73 6.08
C PHE D 59 -1.79 27.98 6.97
N GLY D 60 -1.24 29.06 6.41
CA GLY D 60 -1.09 30.32 7.13
C GLY D 60 0.10 30.37 8.07
N SER D 61 0.80 29.24 8.27
CA SER D 61 1.98 29.24 9.18
C SER D 61 3.16 29.99 8.59
N ASP D 62 4.17 30.26 9.42
CA ASP D 62 5.35 30.94 8.90
C ASP D 62 6.02 30.18 7.76
N SER D 63 6.06 28.86 7.88
CA SER D 63 6.72 28.03 6.88
C SER D 63 5.96 27.98 5.52
N TRP D 64 4.62 28.08 5.59
CA TRP D 64 3.76 28.17 4.41
C TRP D 64 3.87 29.53 3.66
N GLN D 65 4.37 30.56 4.33
CA GLN D 65 4.41 31.88 3.69
C GLN D 65 5.45 31.85 2.57
N LEU D 66 5.31 32.80 1.63
CA LEU D 66 6.20 33.01 0.51
C LEU D 66 7.52 33.57 0.99
N PHE D 67 8.59 33.16 0.34
CA PHE D 67 9.91 33.71 0.64
C PHE D 67 9.79 35.21 0.70
N GLU D 68 10.39 35.81 1.72
CA GLU D 68 10.34 37.26 1.92
C GLU D 68 10.88 38.07 0.76
N LYS D 69 11.87 37.53 0.05
CA LYS D 69 12.51 38.28 -1.05
C LYS D 69 11.61 38.54 -2.25
N LEU D 70 10.53 37.76 -2.38
CA LEU D 70 9.58 37.94 -3.51
C LEU D 70 8.73 39.20 -3.36
N ASP D 71 8.61 39.94 -4.46
N ASP D 71 8.59 39.96 -4.45
CA ASP D 71 7.79 41.17 -4.53
CA ASP D 71 7.87 41.24 -4.39
C ASP D 71 6.33 40.81 -4.67
C ASP D 71 6.36 41.07 -4.64
N THR D 72 5.60 40.82 -3.57
CA THR D 72 4.16 40.56 -3.64
C THR D 72 3.38 41.85 -3.38
N GLN D 73 2.11 41.94 -3.83
CA GLN D 73 1.24 43.04 -3.47
C GLN D 73 -0.10 42.44 -3.21
N PRO D 74 -1.00 43.16 -2.47
CA PRO D 74 -2.34 42.66 -2.12
C PRO D 74 -3.23 42.50 -3.35
N THR D 75 -2.70 43.04 -4.42
CA THR D 75 -3.23 43.07 -5.77
C THR D 75 -3.06 41.77 -6.56
N ASP D 76 -1.97 41.07 -6.27
CA ASP D 76 -1.75 39.72 -6.76
C ASP D 76 -2.88 38.74 -6.37
N PHE D 77 -2.89 37.60 -7.03
CA PHE D 77 -3.89 36.55 -6.81
C PHE D 77 -3.17 35.42 -6.11
N PHE D 78 -3.91 34.66 -5.32
CA PHE D 78 -3.31 33.60 -4.50
C PHE D 78 -4.21 32.39 -4.61
N ILE D 79 -3.59 31.25 -4.92
CA ILE D 79 -4.32 30.00 -5.01
C ILE D 79 -3.82 29.04 -3.93
N ARG D 80 -4.73 28.42 -3.20
CA ARG D 80 -4.38 27.36 -2.23
C ARG D 80 -4.45 26.02 -2.95
N LYS D 81 -3.42 25.20 -2.82
CA LYS D 81 -3.49 23.82 -3.33
C LYS D 81 -3.01 22.82 -2.27
N THR D 82 -3.48 21.58 -2.42
CA THR D 82 -3.09 20.48 -1.59
C THR D 82 -2.32 19.33 -2.34
N HIS D 83 -2.37 19.33 -3.69
CA HIS D 83 -1.60 18.38 -4.56
C HIS D 83 -0.44 19.03 -5.39
N ALA D 84 0.50 18.25 -5.95
CA ALA D 84 1.54 18.83 -6.90
C ALA D 84 0.88 19.68 -8.01
N ASN D 85 -0.25 19.16 -8.50
CA ASN D 85 -1.08 19.82 -9.56
C ASN D 85 -1.89 21.06 -9.08
N ALA D 86 -1.59 22.25 -9.63
CA ALA D 86 -2.16 23.51 -9.11
C ALA D 86 -3.61 23.73 -9.53
N PHE D 87 -4.14 22.85 -10.40
CA PHE D 87 -5.51 22.86 -10.84
C PHE D 87 -6.33 21.82 -10.05
N TYR D 88 -5.67 20.82 -9.45
CA TYR D 88 -6.34 19.67 -8.86
C TYR D 88 -7.05 20.13 -7.60
N GLN D 89 -8.39 20.20 -7.70
CA GLN D 89 -9.32 20.61 -6.60
C GLN D 89 -9.12 22.05 -6.14
N THR D 90 -8.59 22.92 -7.02
CA THR D 90 -8.40 24.35 -6.69
C THR D 90 -9.33 25.25 -7.50
N ASN D 91 -9.22 26.55 -7.19
N ASN D 91 -9.30 26.56 -7.25
CA ASN D 91 -9.91 27.61 -7.89
CA ASN D 91 -10.06 27.46 -8.12
C ASN D 91 -9.06 28.18 -9.05
C ASN D 91 -9.20 28.01 -9.27
N LEU D 92 -7.98 27.49 -9.45
CA LEU D 92 -7.09 28.00 -10.54
C LEU D 92 -7.78 28.20 -11.89
N ASN D 93 -8.48 27.17 -12.38
CA ASN D 93 -9.10 27.25 -13.68
C ASN D 93 -10.17 28.37 -13.68
N ASP D 94 -10.93 28.45 -12.58
CA ASP D 94 -11.96 29.51 -12.45
C ASP D 94 -11.41 30.92 -12.48
N LEU D 95 -10.31 31.14 -11.78
CA LEU D 95 -9.68 32.43 -11.73
C LEU D 95 -9.17 32.81 -13.15
N LEU D 96 -8.47 31.88 -13.81
CA LEU D 96 -7.99 32.11 -15.20
C LEU D 96 -9.08 32.48 -16.20
N THR D 97 -10.21 31.79 -16.08
CA THR D 97 -11.41 32.11 -16.86
C THR D 97 -11.90 33.50 -16.50
N GLU D 98 -12.10 33.77 -15.20
CA GLU D 98 -12.57 35.08 -14.77
C GLU D 98 -11.63 36.22 -15.25
N GLN D 99 -10.32 35.97 -15.27
CA GLN D 99 -9.34 36.94 -15.71
C GLN D 99 -9.07 36.93 -17.21
N ALA D 100 -9.73 36.06 -17.98
CA ALA D 100 -9.59 35.99 -19.46
C ALA D 100 -8.15 35.59 -19.89
N VAL D 101 -7.51 34.72 -19.10
CA VAL D 101 -6.11 34.37 -19.30
C VAL D 101 -6.05 33.14 -20.16
N GLN D 102 -5.30 33.22 -21.25
CA GLN D 102 -5.10 32.07 -22.10
C GLN D 102 -3.62 31.63 -22.06
N THR D 103 -2.74 32.49 -21.55
CA THR D 103 -1.29 32.26 -21.66
C THR D 103 -0.74 32.30 -20.28
N LEU D 104 0.08 31.31 -19.94
CA LEU D 104 0.63 31.21 -18.59
C LEU D 104 2.11 31.16 -18.73
N GLU D 105 2.79 32.06 -18.04
CA GLU D 105 4.25 31.99 -17.86
C GLU D 105 4.53 31.37 -16.49
N ILE D 106 5.17 30.22 -16.46
CA ILE D 106 5.27 29.40 -15.25
C ILE D 106 6.66 29.37 -14.64
N ALA D 107 6.72 29.45 -13.31
CA ALA D 107 7.97 29.32 -12.57
C ALA D 107 7.62 28.65 -11.22
N GLY D 108 8.60 28.01 -10.60
CA GLY D 108 8.43 27.61 -9.17
C GLY D 108 9.27 26.43 -8.82
N VAL D 109 8.83 25.74 -7.76
CA VAL D 109 9.50 24.58 -7.18
C VAL D 109 8.39 23.61 -6.76
N GLN D 110 8.67 22.31 -6.69
CA GLN D 110 9.93 21.74 -7.19
C GLN D 110 9.75 21.36 -8.65
N THR D 111 10.83 21.48 -9.42
CA THR D 111 10.89 21.16 -10.88
C THR D 111 10.09 19.92 -11.29
N GLU D 112 10.44 18.78 -10.69
CA GLU D 112 9.92 17.52 -11.18
C GLU D 112 8.55 17.15 -10.58
N PHE D 113 8.10 17.89 -9.58
CA PHE D 113 6.84 17.58 -8.94
C PHE D 113 5.78 18.59 -9.36
N CYS D 114 5.53 19.61 -8.55
CA CYS D 114 4.43 20.54 -8.74
C CYS D 114 4.55 21.36 -10.03
N VAL D 115 5.78 21.66 -10.41
CA VAL D 115 6.01 22.49 -11.61
C VAL D 115 5.71 21.62 -12.86
N ASP D 116 6.40 20.47 -12.96
CA ASP D 116 6.16 19.57 -14.06
C ASP D 116 4.70 19.23 -14.23
N THR D 117 4.04 18.92 -13.13
CA THR D 117 2.63 18.54 -13.22
C THR D 117 1.77 19.67 -13.69
N THR D 118 1.94 20.86 -13.13
CA THR D 118 1.10 22.00 -13.49
C THR D 118 1.29 22.41 -15.03
N ILE D 119 2.49 22.22 -15.55
CA ILE D 119 2.85 22.50 -16.98
C ILE D 119 2.11 21.51 -17.90
N ARG D 120 2.23 20.21 -17.60
CA ARG D 120 1.53 19.14 -18.37
C ARG D 120 0.03 19.30 -18.28
N MSE D 121 -0.46 19.63 -17.08
CA MSE D 121 -1.90 19.92 -16.94
C MSE D 121 -2.38 21.18 -17.72
O MSE D 121 -3.41 21.13 -18.38
CB MSE D 121 -2.24 20.04 -15.42
CG MSE D 121 -3.71 20.12 -15.15
SE MSE D 121 -4.72 18.40 -15.41
CE MSE D 121 -3.53 17.37 -15.31
N ALA D 122 -1.69 22.30 -17.54
CA ALA D 122 -2.08 23.53 -18.14
C ALA D 122 -2.05 23.31 -19.66
N HIS D 123 -1.02 22.66 -20.20
CA HIS D 123 -0.96 22.43 -21.67
C HIS D 123 -2.19 21.59 -22.07
N GLY D 124 -2.46 20.57 -21.24
CA GLY D 124 -3.48 19.62 -21.59
C GLY D 124 -4.90 20.20 -21.55
N LEU D 125 -5.10 21.21 -20.70
CA LEU D 125 -6.36 21.95 -20.62
C LEU D 125 -6.50 23.00 -21.72
N GLY D 126 -5.44 23.30 -22.43
CA GLY D 126 -5.57 24.16 -23.64
C GLY D 126 -4.91 25.51 -23.42
N TYR D 127 -4.14 25.69 -22.33
CA TYR D 127 -3.42 26.97 -22.13
C TYR D 127 -2.16 26.97 -22.90
N THR D 128 -1.78 28.17 -23.36
CA THR D 128 -0.48 28.40 -23.98
C THR D 128 0.58 28.64 -22.89
N CYS D 129 1.61 27.79 -22.83
CA CYS D 129 2.55 27.89 -21.70
C CYS D 129 3.87 28.46 -22.17
N LEU D 130 4.46 29.28 -21.28
CA LEU D 130 5.75 29.96 -21.49
C LEU D 130 6.60 29.78 -20.24
N MSE D 131 7.90 29.90 -20.37
CA MSE D 131 8.78 29.87 -19.22
C MSE D 131 10.05 30.74 -19.44
O MSE D 131 10.67 30.67 -20.49
CB MSE D 131 9.24 28.45 -18.97
CG MSE D 131 10.10 28.33 -17.74
SE MSE D 131 10.28 26.43 -17.19
CE MSE D 131 8.81 26.30 -15.90
N THR D 132 10.43 31.49 -18.43
CA THR D 132 11.73 32.18 -18.45
C THR D 132 12.76 31.13 -18.03
N PRO D 133 13.84 30.99 -18.79
CA PRO D 133 14.91 30.10 -18.38
C PRO D 133 15.38 30.36 -16.94
N LYS D 134 15.83 29.31 -16.24
CA LYS D 134 16.34 29.40 -14.87
C LYS D 134 15.38 29.94 -13.83
N THR D 135 14.11 29.50 -13.91
CA THR D 135 13.16 29.99 -12.92
C THR D 135 12.50 28.78 -12.21
N THR D 136 13.12 27.61 -12.29
CA THR D 136 12.67 26.47 -11.44
C THR D 136 13.85 25.95 -10.62
N SER D 137 13.55 25.26 -9.52
CA SER D 137 14.62 24.66 -8.74
C SER D 137 14.03 23.45 -8.04
N THR D 138 14.94 22.62 -7.51
CA THR D 138 14.61 21.37 -6.82
C THR D 138 15.84 20.96 -5.96
N LEU D 139 15.78 19.75 -5.41
CA LEU D 139 16.75 19.21 -4.43
C LEU D 139 17.45 18.00 -5.01
N ASP D 140 18.69 17.73 -4.59
CA ASP D 140 19.33 16.48 -4.94
C ASP D 140 18.38 15.46 -4.33
N ASN D 141 18.11 14.37 -5.03
CA ASN D 141 17.14 13.40 -4.52
C ASN D 141 17.77 12.08 -4.10
N GLY D 142 19.09 12.02 -3.98
CA GLY D 142 19.76 10.76 -3.60
C GLY D 142 20.04 9.85 -4.79
N HIS D 143 19.42 10.12 -5.93
CA HIS D 143 19.77 9.38 -7.16
C HIS D 143 20.34 10.29 -8.26
N LEU D 144 19.88 11.53 -8.30
CA LEU D 144 20.23 12.49 -9.33
C LEU D 144 20.43 13.81 -8.63
N THR D 145 21.33 14.65 -9.13
CA THR D 145 21.50 15.99 -8.53
C THR D 145 20.36 16.87 -9.02
N ALA D 146 20.12 17.99 -8.32
CA ALA D 146 19.17 19.02 -8.76
C ALA D 146 19.44 19.45 -10.17
N ALA D 147 20.72 19.68 -10.50
CA ALA D 147 21.15 20.05 -11.86
C ALA D 147 20.69 19.04 -12.96
N GLN D 148 20.81 17.75 -12.68
CA GLN D 148 20.42 16.70 -13.63
C GLN D 148 18.91 16.63 -13.81
N ILE D 149 18.21 16.76 -12.68
CA ILE D 149 16.72 16.78 -12.66
C ILE D 149 16.17 17.96 -13.45
N ILE D 150 16.73 19.15 -13.19
CA ILE D 150 16.38 20.37 -13.92
C ILE D 150 16.65 20.24 -15.40
N GLN D 151 17.85 19.80 -15.77
CA GLN D 151 18.18 19.55 -17.18
C GLN D 151 17.15 18.61 -17.87
N HIS D 152 16.89 17.50 -17.20
CA HIS D 152 15.97 16.48 -17.71
C HIS D 152 14.57 17.04 -18.00
N HIS D 153 13.96 17.70 -17.03
CA HIS D 153 12.56 18.10 -17.15
C HIS D 153 12.40 19.30 -18.08
N GLU D 154 13.31 20.26 -17.98
CA GLU D 154 13.28 21.42 -18.85
C GLU D 154 13.43 21.02 -20.31
N ALA D 155 14.24 20.01 -20.57
CA ALA D 155 14.35 19.50 -21.96
C ALA D 155 13.06 18.83 -22.43
N ILE D 156 12.36 18.15 -21.53
CA ILE D 156 11.05 17.59 -21.91
C ILE D 156 10.02 18.71 -22.22
N TRP D 157 9.99 19.75 -21.41
CA TRP D 157 9.00 20.79 -21.58
C TRP D 157 9.22 21.63 -22.86
N ALA D 158 10.47 21.89 -23.21
CA ALA D 158 10.79 22.80 -24.35
C ALA D 158 10.12 22.31 -25.60
N GLY D 159 9.23 23.14 -26.15
CA GLY D 159 8.64 22.80 -27.44
C GLY D 159 7.41 21.92 -27.31
N ARG D 160 7.45 20.90 -26.45
CA ARG D 160 6.25 20.07 -26.41
C ARG D 160 5.16 20.55 -25.49
N PHE D 161 5.51 21.23 -24.41
CA PHE D 161 4.48 21.78 -23.55
C PHE D 161 4.48 23.30 -23.49
N LEU D 162 5.66 23.89 -23.71
CA LEU D 162 5.83 25.34 -23.49
C LEU D 162 6.95 25.89 -24.39
N THR D 163 7.04 27.20 -24.48
CA THR D 163 8.15 27.84 -25.17
C THR D 163 8.99 28.52 -24.13
N PHE D 164 10.31 28.32 -24.18
CA PHE D 164 11.21 29.12 -23.35
C PHE D 164 11.38 30.48 -23.95
N LEU D 165 11.25 31.50 -23.09
CA LEU D 165 11.36 32.86 -23.50
C LEU D 165 12.80 33.29 -23.73
N SER D 166 12.98 34.25 -24.66
CA SER D 166 14.21 35.05 -24.79
C SER D 166 14.20 36.21 -23.77
N LEU D 167 15.40 36.68 -23.42
CA LEU D 167 15.53 37.86 -22.52
C LEU D 167 15.35 39.16 -23.32
#